data_7BJQ
#
_entry.id   7BJQ
#
_cell.length_a   63.080
_cell.length_b   69.501
_cell.length_c   72.210
_cell.angle_alpha   86.120
_cell.angle_beta   69.260
_cell.angle_gamma   69.530
#
_symmetry.space_group_name_H-M   'P 1'
#
loop_
_entity.id
_entity.type
_entity.pdbx_description
1 polymer 'Conserved protein'
2 polymer "DNA (5'-D(*5P*'P*-P*CP*AP*TP*GP*GP*CP*-P*3P*')-3')"
3 non-polymer 'MANGANESE (II) ION'
4 water water
#
loop_
_entity_poly.entity_id
_entity_poly.type
_entity_poly.pdbx_seq_one_letter_code
_entity_poly.pdbx_strand_id
1 'polypeptide(L)'
;MTHRKQPSSSSKLPDSILKRGAEASKVLEEHLERGNIIRIISHNDADGLSAAGVVARAISSMNGQFHISILSRLKKEFIK
KLSGEKYSLFFFCDMGSAYLEEISRLKGDVIVADHHQPSESEAGPHVVHINPHLHGLDGSRDLSASGTAYLATRLLNRKT
APLALVGALGDMQYTDGFTGANRFIMEEAVEEGVLQVHSDLKLASRYTEPLYRSIAYTFNPALPGLTGDMEASMGFLENI
GVSYGVKYPDLSPEERDVLRDELTRINPEIFGEVFTSREFRNIGDLSDIAGVLDACGKNRKYGIGIGLCLGEREGALDVA
LELQKNYREELVKGLAWIRREGSTTLENLQYIYSEDKAFKGIMGTIASISLSLKILDPDIPLLGLSRMDQHVKVSARTTR
PAVERGVNLGVALRDAAASFGGTGGGHDIAAGAMVPYRDMESFLQLVDEILGTQTGPAENLYFQ
;
A,B
2 'polydeoxyribonucleotide' (DC)(DA)(DT)(DG)(DG)(DC) D,E,F,G
#
# COMPACT_ATOMS: atom_id res chain seq x y z
N LEU A 13 -0.47 -38.23 -21.25
CA LEU A 13 0.79 -37.47 -21.06
C LEU A 13 1.95 -38.48 -20.89
N PRO A 14 3.17 -38.13 -21.37
CA PRO A 14 4.32 -39.05 -21.36
C PRO A 14 4.72 -39.47 -19.95
N ASP A 15 5.01 -40.76 -19.75
CA ASP A 15 5.19 -41.34 -18.42
C ASP A 15 6.15 -40.53 -17.54
N SER A 16 7.22 -40.02 -18.13
CA SER A 16 8.24 -39.24 -17.40
C SER A 16 7.66 -38.11 -16.53
N ILE A 17 6.79 -37.26 -17.07
CA ILE A 17 6.12 -36.17 -16.33
C ILE A 17 5.18 -36.68 -15.22
N LEU A 18 4.66 -37.89 -15.34
CA LEU A 18 3.89 -38.50 -14.23
C LEU A 18 4.80 -39.19 -13.22
N LYS A 19 5.93 -39.70 -13.69
CA LYS A 19 6.99 -40.16 -12.80
C LYS A 19 7.49 -38.93 -11.99
N ARG A 20 7.89 -37.87 -12.69
CA ARG A 20 8.54 -36.74 -12.04
C ARG A 20 7.62 -36.01 -11.14
N GLY A 21 6.34 -36.03 -11.47
CA GLY A 21 5.31 -35.52 -10.59
C GLY A 21 5.14 -36.38 -9.38
N ALA A 22 5.28 -37.69 -9.53
CA ALA A 22 5.25 -38.61 -8.40
C ALA A 22 6.51 -38.46 -7.49
N GLU A 23 7.66 -38.17 -8.11
CA GLU A 23 8.90 -37.86 -7.39
C GLU A 23 8.73 -36.66 -6.48
N ALA A 24 7.97 -35.66 -6.94
CA ALA A 24 7.64 -34.47 -6.16
C ALA A 24 6.46 -34.66 -5.20
N SER A 25 5.59 -35.63 -5.46
CA SER A 25 4.52 -35.99 -4.52
C SER A 25 5.05 -36.72 -3.28
N LYS A 26 6.19 -37.43 -3.44
CA LYS A 26 6.87 -38.11 -2.32
C LYS A 26 7.46 -37.06 -1.35
N VAL A 27 8.29 -36.18 -1.90
CA VAL A 27 8.94 -35.13 -1.12
C VAL A 27 7.93 -34.33 -0.26
N LEU A 28 6.77 -34.04 -0.81
CA LEU A 28 5.73 -33.37 -0.04
C LEU A 28 5.19 -34.26 1.12
N GLU A 29 4.65 -35.45 0.80
CA GLU A 29 3.94 -36.30 1.78
C GLU A 29 4.82 -36.66 2.99
N GLU A 30 6.12 -36.84 2.74
CA GLU A 30 7.09 -37.15 3.81
C GLU A 30 7.42 -35.94 4.71
N HIS A 31 7.38 -34.71 4.18
CA HIS A 31 7.50 -33.51 5.04
C HIS A 31 6.21 -33.25 5.83
N LEU A 32 5.08 -33.69 5.29
CA LEU A 32 3.82 -33.51 5.99
C LEU A 32 3.61 -34.54 7.09
N GLU A 33 4.31 -35.67 6.99
CA GLU A 33 4.33 -36.70 8.04
C GLU A 33 5.04 -36.12 9.27
N ARG A 34 6.15 -35.43 9.02
CA ARG A 34 6.98 -34.86 10.07
C ARG A 34 6.38 -33.62 10.73
N GLY A 35 5.29 -33.08 10.19
CA GLY A 35 4.65 -31.88 10.73
C GLY A 35 5.23 -30.58 10.19
N ASN A 36 6.09 -30.67 9.19
CA ASN A 36 6.68 -29.48 8.58
C ASN A 36 5.63 -28.61 7.90
N ILE A 37 5.79 -27.29 8.08
CA ILE A 37 4.96 -26.28 7.42
C ILE A 37 5.67 -25.99 6.10
N ILE A 38 4.90 -25.87 5.00
CA ILE A 38 5.45 -25.75 3.64
C ILE A 38 5.42 -24.29 3.17
N ARG A 39 6.48 -23.87 2.50
CA ARG A 39 6.53 -22.53 1.95
C ARG A 39 6.14 -22.61 0.47
N ILE A 40 5.12 -21.85 0.10
CA ILE A 40 4.66 -21.73 -1.29
C ILE A 40 5.02 -20.34 -1.83
N ILE A 41 5.65 -20.28 -2.98
CA ILE A 41 5.93 -19.02 -3.63
C ILE A 41 5.27 -19.12 -5.00
N SER A 42 4.46 -18.14 -5.37
CA SER A 42 3.77 -18.19 -6.63
C SER A 42 3.62 -16.84 -7.29
N HIS A 43 3.12 -16.89 -8.51
CA HIS A 43 2.91 -15.73 -9.34
C HIS A 43 1.50 -15.10 -9.12
N ASN A 44 1.35 -13.84 -9.52
CA ASN A 44 0.18 -13.03 -9.19
C ASN A 44 -0.95 -12.99 -10.25
N ASP A 45 -0.92 -13.89 -11.24
CA ASP A 45 -2.03 -13.97 -12.21
C ASP A 45 -2.92 -15.14 -11.85
N ALA A 46 -3.88 -15.49 -12.72
CA ALA A 46 -4.81 -16.57 -12.41
C ALA A 46 -4.11 -17.90 -12.35
N ASP A 47 -3.07 -18.10 -13.17
CA ASP A 47 -2.36 -19.38 -13.19
C ASP A 47 -1.53 -19.52 -11.93
N GLY A 48 -0.77 -18.47 -11.62
CA GLY A 48 -0.03 -18.37 -10.34
C GLY A 48 -0.90 -18.59 -9.12
N LEU A 49 -1.97 -17.80 -9.06
CA LEU A 49 -2.85 -17.92 -7.92
C LEU A 49 -3.46 -19.32 -7.86
N SER A 50 -3.93 -19.82 -9.00
CA SER A 50 -4.64 -21.09 -8.96
C SER A 50 -3.65 -22.20 -8.64
N ALA A 51 -2.41 -22.05 -9.09
CA ALA A 51 -1.33 -22.99 -8.77
C ALA A 51 -1.11 -23.09 -7.29
N ALA A 52 -0.91 -21.94 -6.64
CA ALA A 52 -0.79 -21.90 -5.20
C ALA A 52 -1.97 -22.58 -4.52
N GLY A 53 -3.18 -22.27 -4.96
CA GLY A 53 -4.40 -22.88 -4.40
C GLY A 53 -4.44 -24.40 -4.50
N VAL A 54 -3.81 -24.92 -5.55
CA VAL A 54 -3.73 -26.36 -5.80
C VAL A 54 -2.92 -26.98 -4.66
N VAL A 55 -1.70 -26.48 -4.47
CA VAL A 55 -0.81 -27.05 -3.47
C VAL A 55 -1.38 -26.88 -2.06
N ALA A 56 -1.91 -25.69 -1.79
CA ALA A 56 -2.59 -25.40 -0.55
C ALA A 56 -3.75 -26.35 -0.26
N ARG A 57 -4.47 -26.81 -1.26
CA ARG A 57 -5.62 -27.69 -0.99
C ARG A 57 -5.21 -29.11 -0.87
N ALA A 58 -4.20 -29.54 -1.62
CA ALA A 58 -3.53 -30.79 -1.31
C ALA A 58 -3.05 -30.74 0.16
N ILE A 59 -2.37 -29.67 0.53
CA ILE A 59 -1.78 -29.57 1.88
C ILE A 59 -2.84 -29.62 2.97
N SER A 60 -3.98 -28.96 2.77
CA SER A 60 -5.09 -28.98 3.75
C SER A 60 -5.85 -30.30 3.76
N SER A 61 -5.90 -31.00 2.63
CA SER A 61 -6.51 -32.32 2.63
C SER A 61 -5.76 -33.29 3.56
N MET A 62 -4.49 -32.99 3.87
CA MET A 62 -3.66 -33.80 4.79
C MET A 62 -3.26 -33.06 6.08
N ASN A 63 -4.08 -32.10 6.47
CA ASN A 63 -3.92 -31.31 7.69
C ASN A 63 -2.55 -30.68 7.90
N GLY A 64 -1.88 -30.35 6.79
CA GLY A 64 -0.62 -29.62 6.82
C GLY A 64 -0.90 -28.14 7.01
N GLN A 65 0.16 -27.38 7.23
CA GLN A 65 0.14 -25.93 7.29
C GLN A 65 0.95 -25.41 6.10
N PHE A 66 0.88 -24.11 5.83
CA PHE A 66 1.68 -23.55 4.72
C PHE A 66 1.78 -22.04 4.81
N HIS A 67 2.77 -21.47 4.14
CA HIS A 67 2.93 -20.03 4.10
C HIS A 67 3.17 -19.66 2.63
N ILE A 68 2.19 -18.94 2.07
CA ILE A 68 2.18 -18.51 0.67
C ILE A 68 2.71 -17.10 0.57
N SER A 69 3.65 -16.87 -0.34
CA SER A 69 3.92 -15.53 -0.86
C SER A 69 3.58 -15.50 -2.34
N ILE A 70 3.01 -14.39 -2.77
CA ILE A 70 2.59 -14.17 -4.15
C ILE A 70 3.34 -12.94 -4.63
N LEU A 71 4.09 -13.10 -5.71
CA LEU A 71 4.86 -12.04 -6.27
C LEU A 71 4.67 -12.00 -7.76
N SER A 72 4.97 -10.87 -8.38
CA SER A 72 4.92 -10.70 -9.84
C SER A 72 6.08 -11.33 -10.56
N ARG A 73 7.25 -11.12 -10.01
CA ARG A 73 8.51 -11.54 -10.59
C ARG A 73 9.21 -12.32 -9.48
N LEU A 74 10.24 -13.10 -9.81
CA LEU A 74 11.11 -13.66 -8.80
C LEU A 74 12.41 -12.88 -8.95
N LYS A 75 12.89 -12.30 -7.84
CA LYS A 75 14.16 -11.56 -7.81
C LYS A 75 15.23 -12.30 -6.94
N LYS A 76 16.50 -12.27 -7.33
CA LYS A 76 17.59 -12.94 -6.56
C LYS A 76 17.60 -12.54 -5.08
N GLU A 77 17.35 -11.26 -4.85
CA GLU A 77 17.28 -10.67 -3.50
C GLU A 77 16.09 -11.18 -2.64
N PHE A 78 15.19 -11.96 -3.24
CA PHE A 78 14.15 -12.70 -2.53
C PHE A 78 14.53 -14.17 -2.28
N ILE A 79 15.27 -14.79 -3.20
CA ILE A 79 15.75 -16.16 -2.98
C ILE A 79 16.87 -16.17 -1.92
N LYS A 80 17.69 -15.12 -1.87
CA LYS A 80 18.65 -14.96 -0.78
C LYS A 80 17.91 -14.74 0.54
N LYS A 81 16.89 -13.86 0.54
CA LYS A 81 16.04 -13.69 1.73
C LYS A 81 15.42 -15.02 2.18
N LEU A 82 15.14 -15.89 1.22
CA LEU A 82 14.45 -17.14 1.47
C LEU A 82 15.31 -18.15 2.20
N SER A 83 16.63 -18.05 2.03
CA SER A 83 17.57 -19.07 2.52
C SER A 83 17.83 -19.03 4.02
N GLY A 84 17.53 -17.91 4.67
CA GLY A 84 17.52 -17.83 6.12
C GLY A 84 16.13 -17.99 6.73
N GLU A 85 15.17 -18.51 5.98
CA GLU A 85 13.79 -18.63 6.49
C GLU A 85 13.60 -19.89 7.38
N LYS A 86 14.48 -20.91 7.23
CA LYS A 86 14.41 -22.19 7.99
C LYS A 86 13.21 -23.10 7.65
N TYR A 87 12.67 -22.97 6.44
CA TYR A 87 11.65 -23.92 5.98
C TYR A 87 12.34 -25.16 5.38
N SER A 88 11.71 -26.32 5.61
CA SER A 88 12.19 -27.61 5.11
C SER A 88 11.79 -27.96 3.67
N LEU A 89 10.71 -27.33 3.16
CA LEU A 89 10.29 -27.48 1.76
C LEU A 89 9.84 -26.17 1.14
N PHE A 90 10.43 -25.81 0.00
CA PHE A 90 10.02 -24.64 -0.78
C PHE A 90 9.34 -25.08 -2.06
N PHE A 91 8.04 -24.81 -2.20
CA PHE A 91 7.27 -25.16 -3.41
C PHE A 91 7.03 -23.91 -4.27
N PHE A 92 7.83 -23.76 -5.33
CA PHE A 92 7.64 -22.72 -6.33
C PHE A 92 6.60 -23.11 -7.39
N CYS A 93 5.58 -22.29 -7.56
CA CYS A 93 4.55 -22.45 -8.60
C CYS A 93 4.66 -21.32 -9.60
N ASP A 94 4.70 -21.64 -10.89
CA ASP A 94 4.66 -20.64 -11.99
C ASP A 94 5.89 -19.71 -12.04
N MET A 95 7.03 -20.20 -11.55
CA MET A 95 8.29 -19.47 -11.58
C MET A 95 9.37 -20.33 -10.98
N GLY A 96 10.57 -20.23 -11.53
CA GLY A 96 11.71 -20.95 -11.00
C GLY A 96 12.75 -21.24 -12.05
N SER A 97 12.32 -21.92 -13.13
CA SER A 97 13.25 -22.40 -14.16
C SER A 97 14.39 -21.42 -14.48
N ALA A 98 14.04 -20.15 -14.66
CA ALA A 98 15.02 -19.09 -14.97
C ALA A 98 16.17 -19.01 -13.95
N TYR A 99 15.83 -19.13 -12.66
CA TYR A 99 16.78 -18.89 -11.57
C TYR A 99 17.13 -20.17 -10.80
N LEU A 100 17.38 -21.26 -11.54
CA LEU A 100 17.59 -22.60 -10.95
C LEU A 100 18.85 -22.78 -10.10
N GLU A 101 19.94 -22.14 -10.50
CA GLU A 101 21.22 -22.26 -9.78
C GLU A 101 21.12 -21.60 -8.39
N GLU A 102 20.38 -20.48 -8.33
CA GLU A 102 20.20 -19.70 -7.10
C GLU A 102 19.26 -20.42 -6.14
N ILE A 103 18.33 -21.18 -6.69
CA ILE A 103 17.41 -22.04 -5.94
C ILE A 103 18.07 -23.37 -5.57
N SER A 104 19.03 -23.81 -6.41
CA SER A 104 19.86 -24.94 -6.05
C SER A 104 20.68 -24.56 -4.80
N ARG A 105 21.24 -23.34 -4.77
CA ARG A 105 21.97 -22.88 -3.56
C ARG A 105 21.16 -23.05 -2.27
N LEU A 106 19.88 -22.64 -2.32
CA LEU A 106 18.91 -22.78 -1.21
C LEU A 106 19.01 -24.14 -0.48
N LYS A 107 18.99 -24.08 0.86
CA LYS A 107 19.10 -25.28 1.74
C LYS A 107 17.77 -26.02 1.76
N GLY A 108 17.73 -27.23 2.31
CA GLY A 108 16.48 -28.02 2.35
C GLY A 108 15.97 -28.57 1.02
N ASP A 109 14.67 -28.85 0.94
CA ASP A 109 14.07 -29.46 -0.26
C ASP A 109 13.30 -28.44 -1.09
N VAL A 110 13.33 -28.64 -2.41
CA VAL A 110 12.77 -27.66 -3.35
C VAL A 110 12.05 -28.34 -4.51
N ILE A 111 10.95 -27.71 -4.93
CA ILE A 111 10.09 -28.16 -6.02
C ILE A 111 9.80 -26.94 -6.87
N VAL A 112 10.12 -27.00 -8.14
CA VAL A 112 9.80 -25.93 -9.05
C VAL A 112 8.76 -26.50 -10.00
N ALA A 113 7.51 -26.05 -9.89
CA ALA A 113 6.46 -26.35 -10.88
C ALA A 113 6.25 -25.11 -11.76
N ASP A 114 7.04 -25.02 -12.81
CA ASP A 114 7.01 -23.90 -13.70
C ASP A 114 6.77 -24.41 -15.14
N HIS A 115 6.43 -23.51 -16.04
CA HIS A 115 6.22 -23.87 -17.45
C HIS A 115 6.85 -22.84 -18.39
N HIS A 116 7.84 -22.12 -17.89
CA HIS A 116 8.55 -21.09 -18.64
C HIS A 116 9.79 -21.70 -19.27
N GLN A 117 10.40 -20.90 -20.17
CA GLN A 117 11.56 -21.33 -20.95
C GLN A 117 12.78 -21.64 -20.08
N PRO A 118 13.09 -22.94 -19.89
CA PRO A 118 13.97 -23.32 -18.77
C PRO A 118 15.45 -23.04 -19.03
N SER A 119 16.24 -23.14 -17.95
CA SER A 119 17.70 -22.99 -18.00
C SER A 119 18.32 -24.32 -18.41
N GLU A 120 18.99 -24.34 -19.58
CA GLU A 120 19.75 -25.52 -20.05
C GLU A 120 20.82 -25.89 -19.02
N SER A 121 21.40 -24.87 -18.38
CA SER A 121 22.03 -25.04 -17.08
C SER A 121 20.93 -25.48 -16.09
N GLU A 122 20.65 -26.79 -16.08
CA GLU A 122 19.49 -27.40 -15.39
C GLU A 122 19.87 -28.05 -14.05
N ALA A 123 20.01 -27.21 -13.02
CA ALA A 123 20.63 -27.58 -11.74
C ALA A 123 19.76 -28.44 -10.82
N GLY A 124 20.30 -28.80 -9.66
CA GLY A 124 19.52 -29.26 -8.51
C GLY A 124 19.43 -30.77 -8.23
N PRO A 125 20.21 -31.27 -7.25
CA PRO A 125 20.08 -32.64 -6.72
C PRO A 125 19.03 -32.78 -5.60
N HIS A 126 18.98 -31.82 -4.69
CA HIS A 126 17.84 -31.61 -3.75
C HIS A 126 16.51 -31.10 -4.44
N VAL A 127 16.65 -30.51 -5.63
CA VAL A 127 15.57 -29.84 -6.37
C VAL A 127 14.81 -30.76 -7.32
N VAL A 128 13.49 -30.61 -7.37
CA VAL A 128 12.58 -31.40 -8.25
C VAL A 128 11.82 -30.45 -9.18
N HIS A 129 12.42 -30.14 -10.33
CA HIS A 129 11.75 -29.41 -11.42
C HIS A 129 10.59 -30.24 -12.00
N ILE A 130 9.44 -29.62 -12.23
CA ILE A 130 8.44 -30.16 -13.16
C ILE A 130 8.23 -29.03 -14.12
N ASN A 131 8.35 -29.30 -15.41
CA ASN A 131 8.20 -28.27 -16.43
C ASN A 131 7.97 -28.92 -17.79
N PRO A 132 6.76 -28.73 -18.36
CA PRO A 132 6.34 -29.55 -19.51
C PRO A 132 7.30 -29.48 -20.70
N HIS A 133 8.12 -28.43 -20.78
CA HIS A 133 9.24 -28.37 -21.75
C HIS A 133 10.23 -29.53 -21.66
N LEU A 134 10.62 -29.90 -20.44
CA LEU A 134 11.58 -30.99 -20.25
C LEU A 134 10.99 -32.39 -20.45
N HIS A 135 9.75 -32.51 -20.91
CA HIS A 135 9.16 -33.80 -21.27
C HIS A 135 8.55 -33.68 -22.67
N GLY A 136 9.24 -32.95 -23.55
CA GLY A 136 8.77 -32.68 -24.91
C GLY A 136 7.27 -32.44 -25.05
N LEU A 137 6.74 -31.57 -24.18
CA LEU A 137 5.36 -31.09 -24.29
C LEU A 137 5.46 -29.58 -24.46
N ASP A 138 4.38 -28.96 -24.94
CA ASP A 138 4.37 -27.52 -25.26
C ASP A 138 4.11 -26.73 -23.95
N GLY A 139 4.91 -25.70 -23.71
CA GLY A 139 4.83 -24.92 -22.46
C GLY A 139 3.83 -23.77 -22.46
N SER A 140 3.38 -23.36 -23.65
CA SER A 140 2.30 -22.35 -23.82
C SER A 140 0.98 -22.89 -24.45
N ARG A 141 0.92 -24.18 -24.81
CA ARG A 141 -0.32 -24.82 -25.32
C ARG A 141 -0.86 -26.01 -24.46
N ASP A 142 0.02 -26.88 -23.98
CA ASP A 142 -0.39 -28.22 -23.51
C ASP A 142 -0.54 -28.38 -21.97
N LEU A 143 0.13 -27.53 -21.19
CA LEU A 143 0.09 -27.56 -19.70
C LEU A 143 0.51 -26.23 -19.07
N SER A 144 -0.25 -25.80 -18.05
CA SER A 144 -0.03 -24.54 -17.31
C SER A 144 0.65 -24.77 -15.92
N ALA A 145 1.07 -23.70 -15.25
CA ALA A 145 1.71 -23.82 -13.93
C ALA A 145 0.82 -24.47 -12.89
N SER A 146 -0.46 -24.12 -12.96
CA SER A 146 -1.47 -24.73 -12.10
C SER A 146 -1.63 -26.18 -12.45
N GLY A 147 -1.60 -26.49 -13.75
CA GLY A 147 -1.64 -27.87 -14.23
C GLY A 147 -0.47 -28.73 -13.77
N THR A 148 0.73 -28.17 -13.92
CA THR A 148 1.94 -28.80 -13.45
C THR A 148 1.93 -29.04 -11.94
N ALA A 149 1.27 -28.18 -11.18
CA ALA A 149 1.16 -28.34 -9.73
C ALA A 149 0.24 -29.50 -9.38
N TYR A 150 -0.81 -29.67 -10.15
CA TYR A 150 -1.70 -30.83 -9.99
C TYR A 150 -0.97 -32.15 -10.26
N LEU A 151 -0.11 -32.18 -11.27
CA LEU A 151 0.77 -33.36 -11.54
C LEU A 151 1.68 -33.65 -10.35
N ALA A 152 2.24 -32.59 -9.76
CA ALA A 152 2.99 -32.68 -8.51
C ALA A 152 2.21 -33.20 -7.34
N THR A 153 0.88 -33.00 -7.31
CA THR A 153 0.04 -33.37 -6.15
C THR A 153 -1.15 -34.28 -6.47
N ARG A 154 -1.11 -34.93 -7.64
CA ARG A 154 -2.14 -35.88 -8.02
C ARG A 154 -2.35 -36.93 -6.96
N LEU A 155 -1.27 -37.58 -6.49
CA LEU A 155 -1.35 -38.74 -5.58
C LEU A 155 -2.00 -38.41 -4.22
N LEU A 156 -1.96 -37.16 -3.80
CA LEU A 156 -2.51 -36.75 -2.51
C LEU A 156 -3.98 -36.35 -2.62
N ASN A 157 -4.29 -35.49 -3.60
CA ASN A 157 -5.64 -34.93 -3.76
C ASN A 157 -5.92 -34.87 -5.23
N ARG A 158 -7.11 -35.29 -5.62
CA ARG A 158 -7.62 -35.20 -7.00
C ARG A 158 -8.82 -34.24 -7.14
N LYS A 159 -9.42 -33.82 -6.01
CA LYS A 159 -10.47 -32.80 -5.97
C LYS A 159 -10.07 -31.38 -6.47
N THR A 160 -8.76 -31.11 -6.59
CA THR A 160 -8.24 -29.82 -7.06
C THR A 160 -8.12 -29.67 -8.61
N ALA A 161 -8.55 -30.68 -9.37
CA ALA A 161 -8.38 -30.62 -10.83
C ALA A 161 -9.07 -29.43 -11.52
N PRO A 162 -10.24 -29.00 -11.02
CA PRO A 162 -10.82 -27.74 -11.49
C PRO A 162 -9.88 -26.50 -11.45
N LEU A 163 -9.30 -26.17 -10.30
CA LEU A 163 -8.27 -25.12 -10.20
C LEU A 163 -7.16 -25.27 -11.18
N ALA A 164 -6.77 -26.50 -11.48
CA ALA A 164 -5.73 -26.70 -12.46
C ALA A 164 -6.11 -26.14 -13.84
N LEU A 165 -7.39 -26.27 -14.20
CA LEU A 165 -7.87 -25.80 -15.50
C LEU A 165 -8.13 -24.30 -15.52
N VAL A 166 -8.41 -23.75 -14.32
CA VAL A 166 -8.65 -22.35 -14.18
C VAL A 166 -7.37 -21.67 -14.57
N GLY A 167 -6.24 -22.14 -14.08
CA GLY A 167 -4.99 -21.50 -14.46
C GLY A 167 -4.73 -21.54 -15.95
N ALA A 168 -5.06 -22.66 -16.56
CA ALA A 168 -4.92 -22.87 -18.01
C ALA A 168 -5.76 -21.93 -18.85
N LEU A 169 -6.95 -21.59 -18.35
CA LEU A 169 -7.84 -20.66 -19.02
C LEU A 169 -7.27 -19.25 -18.96
N GLY A 170 -7.12 -18.72 -17.74
CA GLY A 170 -6.54 -17.40 -17.55
C GLY A 170 -5.33 -17.15 -18.44
N ASP A 171 -4.45 -18.16 -18.51
CA ASP A 171 -3.20 -18.13 -19.30
C ASP A 171 -3.34 -18.53 -20.82
N MET A 172 -4.56 -18.42 -21.38
CA MET A 172 -4.81 -18.56 -22.83
C MET A 172 -4.24 -19.82 -23.48
N GLN A 173 -4.64 -20.99 -22.97
CA GLN A 173 -4.28 -22.28 -23.56
C GLN A 173 -5.49 -22.99 -24.17
N TYR A 174 -6.34 -22.27 -24.93
CA TYR A 174 -7.55 -22.89 -25.51
C TYR A 174 -7.87 -22.54 -26.97
N THR A 175 -7.43 -23.41 -27.88
CA THR A 175 -7.75 -23.35 -29.32
C THR A 175 -8.51 -24.61 -29.68
N ASP A 176 -9.82 -24.49 -29.88
CA ASP A 176 -10.68 -25.60 -30.32
C ASP A 176 -10.69 -26.85 -29.41
N GLY A 177 -10.18 -26.71 -28.17
CA GLY A 177 -9.91 -27.83 -27.26
C GLY A 177 -8.64 -27.60 -26.45
N PHE A 178 -8.65 -28.00 -25.17
CA PHE A 178 -7.42 -28.15 -24.37
C PHE A 178 -6.53 -29.23 -25.02
N THR A 179 -5.31 -28.86 -25.40
CA THR A 179 -4.30 -29.83 -25.87
C THR A 179 -3.62 -30.52 -24.67
N GLY A 180 -3.08 -31.71 -24.90
CA GLY A 180 -2.14 -32.35 -23.99
C GLY A 180 -2.61 -32.70 -22.58
N ALA A 181 -1.76 -32.36 -21.60
CA ALA A 181 -1.99 -32.73 -20.19
C ALA A 181 -3.25 -32.07 -19.62
N ASN A 182 -3.50 -30.82 -20.04
CA ASN A 182 -4.78 -30.17 -19.73
C ASN A 182 -5.96 -31.03 -20.18
N ARG A 183 -5.90 -31.62 -21.39
CA ARG A 183 -6.93 -32.58 -21.84
C ARG A 183 -6.96 -33.75 -20.85
N PHE A 184 -5.77 -34.29 -20.55
CA PHE A 184 -5.63 -35.40 -19.58
C PHE A 184 -6.23 -35.06 -18.20
N ILE A 185 -5.91 -33.86 -17.70
CA ILE A 185 -6.43 -33.38 -16.41
C ILE A 185 -7.93 -33.14 -16.50
N MET A 186 -8.39 -32.69 -17.66
CA MET A 186 -9.81 -32.46 -17.91
C MET A 186 -10.57 -33.80 -17.87
N GLU A 187 -10.08 -34.77 -18.67
CA GLU A 187 -10.55 -36.17 -18.63
C GLU A 187 -10.64 -36.70 -17.22
N GLU A 188 -9.51 -36.60 -16.51
CA GLU A 188 -9.37 -37.13 -15.14
C GLU A 188 -10.38 -36.54 -14.16
N ALA A 189 -10.56 -35.22 -14.19
CA ALA A 189 -11.56 -34.56 -13.34
C ALA A 189 -12.98 -35.00 -13.64
N VAL A 190 -13.28 -35.27 -14.91
CA VAL A 190 -14.62 -35.74 -15.31
C VAL A 190 -14.87 -37.10 -14.66
N GLU A 191 -13.93 -38.01 -14.84
CA GLU A 191 -13.98 -39.37 -14.23
C GLU A 191 -14.11 -39.28 -12.71
N GLU A 192 -13.33 -38.39 -12.09
CA GLU A 192 -13.47 -38.09 -10.64
C GLU A 192 -14.86 -37.59 -10.23
N GLY A 193 -15.54 -36.92 -11.15
CA GLY A 193 -16.84 -36.31 -10.88
C GLY A 193 -16.75 -34.94 -10.24
N VAL A 194 -15.64 -34.23 -10.43
CA VAL A 194 -15.49 -32.87 -9.89
C VAL A 194 -15.69 -31.78 -10.96
N LEU A 195 -15.67 -32.19 -12.23
CA LEU A 195 -15.77 -31.32 -13.36
C LEU A 195 -16.85 -31.87 -14.29
N GLN A 196 -17.57 -30.98 -14.96
CA GLN A 196 -18.57 -31.30 -16.00
C GLN A 196 -18.32 -30.46 -17.26
N VAL A 197 -18.14 -31.11 -18.41
CA VAL A 197 -17.99 -30.40 -19.68
C VAL A 197 -19.34 -30.34 -20.31
N HIS A 198 -19.68 -29.23 -20.95
CA HIS A 198 -20.93 -29.11 -21.73
C HIS A 198 -20.70 -28.15 -22.82
N SER A 199 -21.42 -28.32 -23.92
CA SER A 199 -21.41 -27.36 -24.98
C SER A 199 -22.56 -26.39 -24.69
N ASP A 200 -22.26 -25.10 -24.53
CA ASP A 200 -23.28 -24.09 -24.27
C ASP A 200 -22.72 -22.80 -24.79
N LEU A 201 -23.48 -21.71 -24.70
CA LEU A 201 -22.98 -20.37 -25.06
C LEU A 201 -21.97 -19.88 -24.03
N LYS A 202 -20.88 -19.30 -24.50
CA LYS A 202 -19.74 -18.93 -23.65
C LYS A 202 -19.81 -17.48 -23.20
N LEU A 203 -20.86 -17.13 -22.47
CA LEU A 203 -21.14 -15.75 -22.16
C LEU A 203 -20.54 -15.40 -20.83
N ALA A 204 -20.00 -14.20 -20.72
CA ALA A 204 -19.38 -13.78 -19.48
C ALA A 204 -20.38 -13.77 -18.35
N SER A 205 -19.97 -14.33 -17.21
CA SER A 205 -20.68 -14.21 -15.93
C SER A 205 -22.19 -14.41 -15.96
N ARG A 206 -22.61 -15.62 -16.30
CA ARG A 206 -24.03 -15.94 -16.53
C ARG A 206 -24.84 -16.05 -15.27
N TYR A 207 -24.27 -16.70 -14.27
CA TYR A 207 -24.98 -16.94 -13.04
C TYR A 207 -25.26 -15.65 -12.30
N THR A 208 -24.46 -14.62 -12.60
CA THR A 208 -24.30 -13.47 -11.74
C THR A 208 -24.57 -12.09 -12.43
N GLU A 209 -24.94 -12.08 -13.71
CA GLU A 209 -25.27 -10.83 -14.44
C GLU A 209 -26.53 -11.00 -15.27
N PRO A 210 -27.27 -9.91 -15.49
CA PRO A 210 -28.38 -9.97 -16.43
C PRO A 210 -27.89 -10.14 -17.87
N LEU A 211 -28.72 -10.75 -18.69
CA LEU A 211 -28.33 -11.15 -20.02
C LEU A 211 -27.60 -10.08 -20.87
N TYR A 212 -28.04 -8.83 -20.81
CA TYR A 212 -27.49 -7.78 -21.68
C TYR A 212 -26.05 -7.37 -21.26
N ARG A 213 -25.79 -7.36 -19.95
CA ARG A 213 -24.44 -7.09 -19.44
C ARG A 213 -23.53 -8.29 -19.73
N SER A 214 -24.08 -9.49 -19.59
CA SER A 214 -23.38 -10.73 -19.89
C SER A 214 -22.90 -10.81 -21.35
N ILE A 215 -23.76 -10.43 -22.30
CA ILE A 215 -23.37 -10.28 -23.72
C ILE A 215 -22.38 -9.10 -23.90
N ALA A 216 -22.69 -7.95 -23.30
CA ALA A 216 -21.76 -6.82 -23.31
C ALA A 216 -20.32 -7.14 -22.82
N TYR A 217 -20.23 -7.95 -21.79
CA TYR A 217 -18.94 -8.24 -21.17
C TYR A 217 -18.25 -9.50 -21.73
N THR A 218 -18.88 -10.18 -22.69
CA THR A 218 -18.26 -11.29 -23.41
C THR A 218 -17.23 -10.70 -24.37
N PHE A 219 -15.99 -10.55 -23.89
CA PHE A 219 -14.92 -9.93 -24.68
C PHE A 219 -14.20 -10.93 -25.60
N ASN A 220 -14.19 -12.19 -25.15
CA ASN A 220 -13.69 -13.31 -25.90
C ASN A 220 -14.66 -14.49 -25.66
N PRO A 221 -15.32 -15.05 -26.67
CA PRO A 221 -15.20 -14.67 -28.09
C PRO A 221 -15.87 -13.36 -28.34
N ALA A 222 -15.27 -12.54 -29.22
CA ALA A 222 -15.82 -11.22 -29.53
C ALA A 222 -17.18 -11.33 -30.20
N LEU A 223 -18.07 -10.40 -29.83
CA LEU A 223 -19.44 -10.30 -30.37
C LEU A 223 -19.60 -8.95 -31.04
N PRO A 224 -19.27 -8.87 -32.35
CA PRO A 224 -19.36 -7.63 -33.13
C PRO A 224 -20.67 -6.88 -32.98
N GLY A 225 -20.58 -5.59 -32.62
CA GLY A 225 -21.77 -4.75 -32.36
C GLY A 225 -22.12 -4.79 -30.89
N LEU A 226 -22.05 -5.98 -30.29
CA LEU A 226 -22.58 -6.23 -28.95
C LEU A 226 -21.53 -6.09 -27.89
N THR A 227 -20.35 -6.64 -28.13
CA THR A 227 -19.30 -6.63 -27.12
C THR A 227 -18.95 -5.21 -26.75
N GLY A 228 -18.88 -4.97 -25.44
CA GLY A 228 -18.63 -3.66 -24.89
C GLY A 228 -19.70 -2.63 -25.18
N ASP A 229 -20.93 -3.05 -25.50
CA ASP A 229 -22.00 -2.13 -25.90
C ASP A 229 -23.34 -2.50 -25.24
N MET A 230 -23.55 -1.97 -24.03
CA MET A 230 -24.78 -2.24 -23.26
C MET A 230 -26.05 -1.93 -24.08
N GLU A 231 -26.21 -0.68 -24.52
CA GLU A 231 -27.39 -0.25 -25.28
C GLU A 231 -27.67 -1.11 -26.50
N ALA A 232 -26.62 -1.57 -27.19
CA ALA A 232 -26.80 -2.40 -28.40
C ALA A 232 -27.28 -3.82 -28.11
N SER A 233 -26.70 -4.46 -27.09
CA SER A 233 -27.07 -5.83 -26.71
C SER A 233 -28.50 -5.86 -26.12
N MET A 234 -28.70 -4.97 -25.14
CA MET A 234 -30.03 -4.60 -24.65
C MET A 234 -31.00 -4.46 -25.81
N GLY A 235 -30.62 -3.66 -26.82
CA GLY A 235 -31.37 -3.54 -28.07
C GLY A 235 -31.57 -4.86 -28.76
N PHE A 236 -30.44 -5.53 -29.05
CA PHE A 236 -30.37 -6.82 -29.76
C PHE A 236 -31.34 -7.86 -29.23
N LEU A 237 -31.44 -7.95 -27.90
CA LEU A 237 -32.32 -8.92 -27.21
C LEU A 237 -33.79 -8.56 -27.36
N GLU A 238 -34.05 -7.28 -27.07
CA GLU A 238 -35.37 -6.67 -27.17
C GLU A 238 -35.99 -6.97 -28.51
N ASN A 239 -35.26 -6.73 -29.59
CA ASN A 239 -35.81 -6.94 -30.92
C ASN A 239 -35.60 -8.36 -31.48
N ILE A 240 -35.37 -9.34 -30.62
CA ILE A 240 -35.38 -10.77 -31.02
C ILE A 240 -36.23 -11.66 -30.13
N GLY A 241 -36.94 -11.05 -29.18
CA GLY A 241 -37.98 -11.76 -28.41
C GLY A 241 -37.53 -12.27 -27.07
N VAL A 242 -36.51 -11.62 -26.49
CA VAL A 242 -35.83 -12.13 -25.30
C VAL A 242 -35.67 -11.04 -24.25
N SER A 243 -35.83 -11.44 -23.00
CA SER A 243 -35.85 -10.53 -21.87
C SER A 243 -34.42 -10.16 -21.50
N TYR A 244 -34.06 -8.93 -21.80
CA TYR A 244 -32.70 -8.47 -21.65
C TYR A 244 -32.21 -8.45 -20.22
N GLY A 245 -33.13 -8.50 -19.27
CA GLY A 245 -32.76 -8.44 -17.85
C GLY A 245 -32.81 -9.75 -17.11
N VAL A 246 -33.28 -10.81 -17.77
CA VAL A 246 -33.31 -12.14 -17.14
C VAL A 246 -31.92 -12.81 -17.23
N LYS A 247 -31.56 -13.59 -16.22
CA LYS A 247 -30.28 -14.32 -16.24
C LYS A 247 -30.29 -15.54 -17.17
N TYR A 248 -29.16 -15.81 -17.83
CA TYR A 248 -29.10 -16.89 -18.84
C TYR A 248 -29.61 -18.29 -18.41
N PRO A 249 -29.32 -18.71 -17.17
CA PRO A 249 -29.93 -19.96 -16.67
C PRO A 249 -31.45 -19.94 -16.49
N ASP A 250 -32.04 -18.75 -16.41
CA ASP A 250 -33.49 -18.60 -16.23
C ASP A 250 -34.31 -18.55 -17.53
N LEU A 251 -33.67 -18.70 -18.68
CA LEU A 251 -34.40 -18.80 -19.96
C LEU A 251 -34.94 -20.25 -20.16
N SER A 252 -35.92 -20.37 -21.06
CA SER A 252 -36.52 -21.64 -21.50
C SER A 252 -36.02 -22.13 -22.86
N PRO A 253 -35.93 -23.46 -23.03
CA PRO A 253 -35.18 -24.01 -24.16
C PRO A 253 -35.49 -23.38 -25.54
N GLU A 254 -36.72 -22.92 -25.75
CA GLU A 254 -37.12 -22.26 -27.00
C GLU A 254 -36.62 -20.80 -27.10
N GLU A 255 -36.47 -20.10 -25.97
CA GLU A 255 -35.81 -18.78 -26.03
C GLU A 255 -34.26 -18.93 -25.90
N ARG A 256 -33.79 -19.95 -25.18
CA ARG A 256 -32.40 -20.38 -25.29
C ARG A 256 -32.05 -20.71 -26.71
N ASP A 257 -32.95 -21.44 -27.39
CA ASP A 257 -32.71 -21.86 -28.79
C ASP A 257 -32.71 -20.68 -29.77
N VAL A 258 -33.30 -19.56 -29.37
CA VAL A 258 -33.36 -18.33 -30.18
C VAL A 258 -32.08 -17.49 -30.06
N LEU A 259 -31.63 -17.27 -28.85
CA LEU A 259 -30.37 -16.58 -28.59
C LEU A 259 -29.20 -17.39 -29.15
N ARG A 260 -29.26 -18.71 -29.05
CA ARG A 260 -28.22 -19.53 -29.62
C ARG A 260 -28.17 -19.34 -31.14
N ASP A 261 -29.33 -19.33 -31.77
CA ASP A 261 -29.40 -19.24 -33.23
C ASP A 261 -28.84 -17.92 -33.72
N GLU A 262 -29.19 -16.82 -33.06
CA GLU A 262 -28.72 -15.47 -33.45
C GLU A 262 -27.29 -15.12 -33.08
N LEU A 263 -26.86 -15.49 -31.88
CA LEU A 263 -25.48 -15.28 -31.45
C LEU A 263 -24.49 -16.09 -32.29
N THR A 264 -24.91 -17.28 -32.70
CA THR A 264 -24.11 -18.07 -33.63
C THR A 264 -23.89 -17.40 -35.02
N ARG A 265 -24.86 -16.64 -35.52
CA ARG A 265 -24.68 -15.85 -36.75
C ARG A 265 -23.61 -14.79 -36.56
N ILE A 266 -23.70 -14.08 -35.45
CA ILE A 266 -22.76 -12.99 -35.16
C ILE A 266 -21.31 -13.48 -34.99
N ASN A 267 -21.14 -14.64 -34.34
CA ASN A 267 -19.84 -15.33 -34.28
C ASN A 267 -20.06 -16.78 -33.86
N PRO A 268 -19.81 -17.72 -34.77
CA PRO A 268 -20.06 -19.09 -34.35
C PRO A 268 -19.19 -19.55 -33.15
N GLU A 269 -17.98 -19.04 -32.97
CA GLU A 269 -17.13 -19.55 -31.86
C GLU A 269 -17.75 -19.41 -30.43
N ILE A 270 -18.82 -18.60 -30.31
CA ILE A 270 -19.58 -18.44 -29.05
C ILE A 270 -20.26 -19.69 -28.52
N PHE A 271 -20.58 -20.66 -29.40
CA PHE A 271 -21.05 -21.98 -28.94
C PHE A 271 -19.87 -22.95 -28.81
N GLY A 272 -19.70 -23.54 -27.62
CA GLY A 272 -18.64 -24.48 -27.36
C GLY A 272 -18.48 -24.89 -25.91
N GLU A 273 -17.32 -25.51 -25.60
CA GLU A 273 -17.12 -26.12 -24.29
C GLU A 273 -17.12 -25.11 -23.13
N VAL A 274 -17.79 -25.49 -22.07
CA VAL A 274 -18.00 -24.71 -20.88
C VAL A 274 -17.71 -25.70 -19.77
N PHE A 275 -16.89 -25.31 -18.81
CA PHE A 275 -16.53 -26.21 -17.70
C PHE A 275 -17.14 -25.72 -16.36
N THR A 276 -17.78 -26.62 -15.63
CA THR A 276 -18.39 -26.28 -14.33
C THR A 276 -18.07 -27.32 -13.25
N SER A 277 -17.56 -26.86 -12.11
CA SER A 277 -17.34 -27.70 -10.92
C SER A 277 -18.34 -27.26 -9.88
N ARG A 278 -18.89 -28.19 -9.09
CA ARG A 278 -19.89 -27.84 -8.05
C ARG A 278 -19.39 -26.83 -7.00
N GLU A 279 -18.07 -26.77 -6.76
CA GLU A 279 -17.49 -25.74 -5.88
C GLU A 279 -17.71 -24.30 -6.40
N PHE A 280 -17.76 -24.11 -7.72
CA PHE A 280 -18.00 -22.78 -8.34
C PHE A 280 -19.40 -22.47 -8.81
N ARG A 281 -20.33 -23.42 -8.68
CA ARG A 281 -21.76 -23.14 -8.87
C ARG A 281 -22.12 -21.95 -7.99
N ASN A 282 -22.85 -20.98 -8.55
CA ASN A 282 -23.17 -19.64 -7.93
C ASN A 282 -22.19 -18.52 -8.29
N ILE A 283 -20.99 -18.87 -8.73
CA ILE A 283 -19.96 -17.86 -9.00
C ILE A 283 -19.73 -17.74 -10.51
N GLY A 284 -19.43 -18.88 -11.15
CA GLY A 284 -19.07 -18.96 -12.58
C GLY A 284 -18.49 -20.29 -13.08
N ASP A 285 -18.42 -20.40 -14.41
CA ASP A 285 -17.69 -21.49 -15.07
C ASP A 285 -16.18 -21.21 -14.97
N LEU A 286 -15.36 -22.18 -15.32
CA LEU A 286 -13.96 -22.01 -15.03
C LEU A 286 -13.31 -20.82 -15.74
N SER A 287 -13.90 -20.31 -16.81
CA SER A 287 -13.42 -19.09 -17.45
C SER A 287 -13.71 -17.85 -16.62
N ASP A 288 -14.85 -17.86 -15.94
CA ASP A 288 -15.28 -16.72 -15.17
C ASP A 288 -14.49 -16.69 -13.88
N ILE A 289 -14.17 -17.86 -13.33
CA ILE A 289 -13.29 -17.92 -12.20
C ILE A 289 -11.94 -17.36 -12.62
N ALA A 290 -11.43 -17.74 -13.78
CA ALA A 290 -10.09 -17.29 -14.16
C ALA A 290 -10.05 -15.76 -14.13
N GLY A 291 -11.05 -15.18 -14.81
CA GLY A 291 -11.28 -13.76 -14.81
C GLY A 291 -11.23 -13.09 -13.45
N VAL A 292 -11.86 -13.71 -12.45
CA VAL A 292 -11.96 -13.17 -11.10
C VAL A 292 -10.60 -13.19 -10.44
N LEU A 293 -9.88 -14.30 -10.61
CA LEU A 293 -8.51 -14.38 -10.07
C LEU A 293 -7.60 -13.37 -10.70
N ASP A 294 -7.76 -13.11 -12.00
CA ASP A 294 -6.94 -12.10 -12.69
C ASP A 294 -7.19 -10.73 -12.12
N ALA A 295 -8.45 -10.38 -11.92
CA ALA A 295 -8.84 -9.12 -11.28
C ALA A 295 -8.25 -8.93 -9.86
N CYS A 296 -8.28 -9.97 -9.02
CA CYS A 296 -7.65 -9.96 -7.68
C CYS A 296 -6.17 -9.75 -7.74
N GLY A 297 -5.53 -10.41 -8.70
CA GLY A 297 -4.08 -10.32 -8.92
C GLY A 297 -3.70 -8.92 -9.29
N LYS A 298 -4.42 -8.36 -10.26
CA LYS A 298 -4.16 -7.01 -10.75
C LYS A 298 -4.51 -5.89 -9.76
N ASN A 299 -5.21 -6.18 -8.68
CA ASN A 299 -5.37 -5.23 -7.60
C ASN A 299 -4.55 -5.58 -6.35
N ARG A 300 -3.52 -6.42 -6.50
CA ARG A 300 -2.72 -6.87 -5.36
C ARG A 300 -3.55 -7.32 -4.15
N LYS A 301 -4.68 -7.97 -4.40
CA LYS A 301 -5.53 -8.55 -3.37
C LYS A 301 -5.34 -10.05 -3.36
N TYR A 302 -4.14 -10.48 -2.98
CA TYR A 302 -3.78 -11.87 -3.11
C TYR A 302 -4.51 -12.75 -2.13
N GLY A 303 -4.82 -12.24 -0.94
CA GLY A 303 -5.56 -13.03 0.05
C GLY A 303 -7.01 -13.30 -0.32
N ILE A 304 -7.62 -12.39 -1.05
CA ILE A 304 -8.94 -12.61 -1.62
C ILE A 304 -8.86 -13.68 -2.72
N GLY A 305 -7.90 -13.54 -3.63
CA GLY A 305 -7.69 -14.56 -4.66
C GLY A 305 -7.49 -15.99 -4.14
N ILE A 306 -6.51 -16.16 -3.26
CA ILE A 306 -6.25 -17.43 -2.56
C ILE A 306 -7.46 -17.86 -1.75
N GLY A 307 -8.09 -16.91 -1.08
CA GLY A 307 -9.30 -17.18 -0.30
C GLY A 307 -10.29 -17.99 -1.10
N LEU A 308 -10.55 -17.53 -2.33
CA LEU A 308 -11.48 -18.17 -3.27
C LEU A 308 -11.09 -19.56 -3.69
N CYS A 309 -9.82 -19.77 -4.00
CA CYS A 309 -9.34 -21.12 -4.29
C CYS A 309 -9.53 -22.10 -3.11
N LEU A 310 -9.48 -21.60 -1.89
CA LEU A 310 -9.69 -22.42 -0.71
C LEU A 310 -11.12 -22.47 -0.20
N GLY A 311 -12.08 -21.94 -0.97
CA GLY A 311 -13.50 -21.99 -0.60
C GLY A 311 -14.11 -20.75 0.04
N GLU A 312 -13.31 -19.74 0.38
CA GLU A 312 -13.85 -18.56 1.09
C GLU A 312 -14.80 -17.82 0.14
N ARG A 313 -15.96 -17.42 0.67
CA ARG A 313 -17.15 -17.09 -0.15
C ARG A 313 -18.12 -15.98 0.35
N GLU A 314 -17.75 -15.24 1.39
CA GLU A 314 -18.72 -14.33 2.01
C GLU A 314 -18.60 -12.97 1.30
N GLY A 315 -18.00 -11.98 1.94
CA GLY A 315 -17.80 -10.66 1.33
C GLY A 315 -16.60 -10.64 0.41
N ALA A 316 -15.57 -11.43 0.73
CA ALA A 316 -14.42 -11.67 -0.15
C ALA A 316 -14.88 -11.88 -1.62
N LEU A 317 -15.87 -12.73 -1.83
CA LEU A 317 -16.38 -12.98 -3.16
C LEU A 317 -16.91 -11.69 -3.76
N ASP A 318 -17.78 -11.00 -3.01
CA ASP A 318 -18.39 -9.75 -3.50
C ASP A 318 -17.35 -8.71 -3.84
N VAL A 319 -16.29 -8.61 -3.03
CA VAL A 319 -15.17 -7.76 -3.36
C VAL A 319 -14.52 -8.21 -4.67
N ALA A 320 -14.26 -9.52 -4.78
CA ALA A 320 -13.69 -10.13 -6.01
C ALA A 320 -14.58 -9.89 -7.25
N LEU A 321 -15.88 -10.15 -7.14
CA LEU A 321 -16.78 -9.85 -8.26
C LEU A 321 -16.77 -8.36 -8.67
N GLU A 322 -16.56 -7.45 -7.73
CA GLU A 322 -16.55 -6.00 -8.01
C GLU A 322 -15.24 -5.59 -8.70
N LEU A 323 -14.14 -6.24 -8.37
CA LEU A 323 -12.88 -6.00 -9.05
C LEU A 323 -13.01 -6.43 -10.53
N GLN A 324 -13.61 -7.58 -10.77
CA GLN A 324 -13.92 -8.04 -12.12
C GLN A 324 -14.76 -7.01 -12.85
N LYS A 325 -15.86 -6.61 -12.23
CA LYS A 325 -16.79 -5.62 -12.77
C LYS A 325 -16.10 -4.32 -13.13
N ASN A 326 -15.19 -3.87 -12.26
CA ASN A 326 -14.52 -2.59 -12.53
C ASN A 326 -13.61 -2.72 -13.72
N TYR A 327 -12.78 -3.76 -13.70
CA TYR A 327 -11.90 -4.08 -14.82
C TYR A 327 -12.67 -4.22 -16.14
N ARG A 328 -13.81 -4.89 -16.12
CA ARG A 328 -14.60 -4.96 -17.35
C ARG A 328 -15.08 -3.58 -17.78
N GLU A 329 -15.37 -2.68 -16.85
CA GLU A 329 -15.79 -1.32 -17.20
C GLU A 329 -14.63 -0.53 -17.80
N GLU A 330 -13.39 -0.80 -17.37
CA GLU A 330 -12.20 -0.27 -18.07
C GLU A 330 -12.11 -0.69 -19.53
N LEU A 331 -12.35 -1.97 -19.80
CA LEU A 331 -12.22 -2.52 -21.15
C LEU A 331 -13.27 -1.99 -22.10
N VAL A 332 -14.47 -1.69 -21.60
CA VAL A 332 -15.45 -0.99 -22.41
C VAL A 332 -15.02 0.46 -22.74
N LYS A 333 -14.15 1.08 -21.94
CA LYS A 333 -13.82 2.50 -22.12
C LYS A 333 -12.75 3.01 -23.13
N GLY A 334 -11.61 2.38 -23.39
CA GLY A 334 -11.44 0.95 -23.51
C GLY A 334 -11.59 0.76 -25.01
N LEU A 335 -12.60 -0.03 -25.38
CA LEU A 335 -13.01 -0.22 -26.75
C LEU A 335 -13.83 0.95 -27.28
N ALA A 336 -14.40 1.76 -26.39
CA ALA A 336 -15.12 2.98 -26.78
C ALA A 336 -14.18 4.07 -27.30
N TRP A 337 -12.97 4.15 -26.74
CA TRP A 337 -11.92 5.07 -27.18
C TRP A 337 -11.33 4.76 -28.56
N ILE A 338 -11.49 3.54 -29.06
CA ILE A 338 -10.66 3.07 -30.16
C ILE A 338 -10.84 3.53 -31.63
N ARG A 339 -11.96 3.87 -32.29
CA ARG A 339 -13.41 3.83 -32.02
C ARG A 339 -13.97 5.24 -32.07
N ARG A 340 -13.54 6.10 -31.16
CA ARG A 340 -13.66 7.55 -31.36
C ARG A 340 -12.43 8.04 -32.13
N GLU A 341 -11.24 7.74 -31.59
CA GLU A 341 -9.97 8.00 -32.28
C GLU A 341 -9.47 6.69 -32.87
N GLY A 342 -9.72 6.43 -34.15
CA GLY A 342 -9.24 5.19 -34.82
C GLY A 342 -7.73 4.99 -34.74
N SER A 343 -7.21 4.05 -35.54
CA SER A 343 -5.75 3.91 -35.70
C SER A 343 -5.27 4.65 -36.94
N THR A 344 -4.14 5.35 -36.84
CA THR A 344 -3.49 5.93 -38.03
C THR A 344 -2.75 4.81 -38.73
N THR A 345 -3.12 4.52 -39.98
CA THR A 345 -2.52 3.40 -40.73
C THR A 345 -1.25 3.83 -41.43
N LEU A 346 -0.36 2.88 -41.71
CA LEU A 346 0.72 3.07 -42.68
C LEU A 346 1.12 1.72 -43.32
N GLU A 347 2.26 1.64 -44.03
CA GLU A 347 2.60 0.51 -44.94
C GLU A 347 2.09 -0.90 -44.55
N ASN A 348 2.69 -1.48 -43.52
CA ASN A 348 2.33 -2.82 -43.06
C ASN A 348 2.07 -2.75 -41.55
N LEU A 349 1.36 -1.70 -41.12
CA LEU A 349 1.26 -1.32 -39.71
C LEU A 349 0.13 -0.36 -39.40
N GLN A 350 -0.42 -0.46 -38.18
CA GLN A 350 -1.52 0.44 -37.78
C GLN A 350 -1.15 1.47 -36.70
N TYR A 351 -0.77 0.98 -35.53
CA TYR A 351 -0.57 1.82 -34.32
C TYR A 351 -1.69 2.81 -33.77
N ILE A 352 -1.87 2.77 -32.45
CA ILE A 352 -2.71 3.70 -31.65
C ILE A 352 -1.87 4.16 -30.47
N TYR A 353 -2.16 5.34 -29.94
CA TYR A 353 -1.28 5.96 -28.97
C TYR A 353 -2.06 6.70 -27.89
N SER A 354 -1.67 6.49 -26.64
CA SER A 354 -2.23 7.22 -25.52
C SER A 354 -1.20 7.60 -24.49
N GLU A 355 -1.46 8.74 -23.84
CA GLU A 355 -0.73 9.18 -22.65
C GLU A 355 -1.60 9.01 -21.39
N ASP A 356 -2.84 8.52 -21.57
CA ASP A 356 -3.75 8.28 -20.45
C ASP A 356 -3.26 7.11 -19.64
N LYS A 357 -3.08 7.32 -18.34
CA LYS A 357 -2.63 6.28 -17.41
C LYS A 357 -3.65 5.14 -17.33
N ALA A 358 -4.93 5.48 -17.48
CA ALA A 358 -6.04 4.52 -17.48
C ALA A 358 -5.86 3.33 -18.43
N PHE A 359 -5.16 3.57 -19.54
CA PHE A 359 -4.94 2.55 -20.53
C PHE A 359 -3.58 1.86 -20.52
N LYS A 360 -2.63 2.32 -19.71
CA LYS A 360 -1.25 1.75 -19.70
C LYS A 360 -1.22 0.22 -19.52
N GLY A 361 -2.02 -0.29 -18.58
CA GLY A 361 -2.06 -1.71 -18.25
C GLY A 361 -3.03 -2.56 -19.05
N ILE A 362 -3.85 -1.93 -19.89
CA ILE A 362 -4.93 -2.61 -20.57
C ILE A 362 -4.70 -2.70 -22.07
N MET A 363 -3.64 -2.06 -22.55
CA MET A 363 -3.50 -1.68 -23.97
C MET A 363 -3.48 -2.88 -24.93
N GLY A 364 -2.69 -3.90 -24.59
CA GLY A 364 -2.63 -5.12 -25.39
C GLY A 364 -3.99 -5.78 -25.53
N THR A 365 -4.67 -5.89 -24.38
CA THR A 365 -5.95 -6.55 -24.30
C THR A 365 -6.96 -5.88 -25.20
N ILE A 366 -7.16 -4.59 -25.05
CA ILE A 366 -8.09 -3.87 -25.94
C ILE A 366 -7.62 -3.84 -27.40
N ALA A 367 -6.30 -3.75 -27.59
CA ALA A 367 -5.69 -3.87 -28.90
C ALA A 367 -6.19 -5.11 -29.65
N SER A 368 -6.11 -6.29 -29.04
CA SER A 368 -6.46 -7.55 -29.73
C SER A 368 -7.99 -7.83 -29.77
N ILE A 369 -8.72 -7.38 -28.75
CA ILE A 369 -10.17 -7.39 -28.79
C ILE A 369 -10.70 -6.54 -29.96
N SER A 370 -10.09 -5.38 -30.17
CA SER A 370 -10.51 -4.47 -31.24
C SER A 370 -10.26 -5.04 -32.64
N LEU A 371 -9.30 -5.95 -32.79
CA LEU A 371 -9.16 -6.72 -34.02
C LEU A 371 -10.23 -7.83 -34.16
N SER A 372 -10.57 -8.51 -33.06
CA SER A 372 -11.60 -9.58 -33.11
C SER A 372 -12.97 -9.03 -33.46
N LEU A 373 -13.28 -7.84 -32.93
CA LEU A 373 -14.50 -7.11 -33.28
C LEU A 373 -14.48 -6.41 -34.63
N LYS A 374 -13.38 -6.52 -35.38
CA LYS A 374 -13.22 -5.90 -36.70
C LYS A 374 -13.26 -4.37 -36.67
N ILE A 375 -13.12 -3.71 -35.52
CA ILE A 375 -13.06 -2.26 -35.56
C ILE A 375 -11.90 -1.87 -36.48
N LEU A 376 -10.71 -2.38 -36.15
CA LEU A 376 -9.48 -2.06 -36.85
C LEU A 376 -9.12 -3.27 -37.69
N ASP A 377 -8.64 -3.04 -38.91
CA ASP A 377 -8.42 -4.13 -39.88
C ASP A 377 -7.48 -5.27 -39.37
N PRO A 378 -8.03 -6.47 -39.11
CA PRO A 378 -7.25 -7.61 -38.58
C PRO A 378 -6.01 -8.06 -39.39
N ASP A 379 -5.97 -7.74 -40.67
CA ASP A 379 -4.84 -8.14 -41.54
C ASP A 379 -3.56 -7.29 -41.31
N ILE A 380 -3.76 -6.01 -40.95
CA ILE A 380 -2.67 -5.08 -40.66
C ILE A 380 -2.27 -5.26 -39.18
N PRO A 381 -0.98 -5.53 -38.88
CA PRO A 381 -0.63 -5.66 -37.46
C PRO A 381 -0.81 -4.37 -36.68
N LEU A 382 -1.15 -4.50 -35.41
CA LEU A 382 -1.53 -3.36 -34.56
C LEU A 382 -0.60 -3.16 -33.39
N LEU A 383 -0.04 -1.95 -33.29
CA LEU A 383 0.90 -1.59 -32.22
C LEU A 383 0.22 -0.62 -31.23
N GLY A 384 -0.19 -1.15 -30.08
CA GLY A 384 -0.66 -0.29 -29.00
C GLY A 384 0.53 0.38 -28.35
N LEU A 385 0.45 1.69 -28.13
CA LEU A 385 1.54 2.48 -27.56
C LEU A 385 1.05 3.25 -26.35
N SER A 386 1.76 3.11 -25.23
CA SER A 386 1.40 3.79 -23.99
C SER A 386 2.62 4.54 -23.44
N ARG A 387 2.47 5.85 -23.30
CA ARG A 387 3.58 6.67 -22.89
C ARG A 387 3.86 6.59 -21.40
N MET A 388 5.08 6.19 -21.06
CA MET A 388 5.55 6.19 -19.68
C MET A 388 6.66 7.21 -19.54
N ASP A 389 6.28 8.49 -19.62
CA ASP A 389 7.18 9.66 -19.58
C ASP A 389 8.20 9.59 -20.74
N GLN A 390 9.48 9.32 -20.41
CA GLN A 390 10.58 9.24 -21.40
C GLN A 390 10.64 7.92 -22.20
N HIS A 391 9.79 6.98 -21.85
CA HIS A 391 9.75 5.68 -22.51
C HIS A 391 8.36 5.45 -23.06
N VAL A 392 8.24 4.52 -23.99
CA VAL A 392 6.95 4.14 -24.53
C VAL A 392 6.84 2.63 -24.49
N LYS A 393 5.85 2.13 -23.74
CA LYS A 393 5.52 0.70 -23.69
C LYS A 393 4.73 0.36 -24.94
N VAL A 394 5.13 -0.72 -25.62
CA VAL A 394 4.56 -1.11 -26.93
C VAL A 394 3.91 -2.50 -26.82
N SER A 395 2.67 -2.64 -27.29
CA SER A 395 1.95 -3.92 -27.28
C SER A 395 1.53 -4.22 -28.69
N ALA A 396 2.13 -5.23 -29.28
CA ALA A 396 1.92 -5.51 -30.70
C ALA A 396 0.99 -6.70 -30.81
N ARG A 397 0.06 -6.67 -31.75
CA ARG A 397 -0.94 -7.73 -31.85
C ARG A 397 -1.44 -7.86 -33.27
N THR A 398 -1.64 -9.09 -33.73
CA THR A 398 -2.24 -9.32 -35.05
C THR A 398 -3.05 -10.62 -35.12
N THR A 399 -3.61 -10.91 -36.29
CA THR A 399 -4.51 -12.06 -36.48
C THR A 399 -3.73 -13.32 -36.88
N ARG A 400 -4.41 -14.47 -36.91
CA ARG A 400 -3.81 -15.74 -37.39
C ARG A 400 -3.48 -15.74 -38.90
N PRO A 401 -4.34 -15.12 -39.77
CA PRO A 401 -3.98 -14.86 -41.19
C PRO A 401 -2.72 -14.04 -41.43
N ALA A 402 -2.42 -13.12 -40.52
CA ALA A 402 -1.29 -12.19 -40.68
C ALA A 402 0.04 -12.89 -40.44
N VAL A 403 0.05 -13.89 -39.56
CA VAL A 403 1.23 -14.72 -39.33
C VAL A 403 1.45 -15.69 -40.50
N GLU A 404 0.41 -16.46 -40.86
CA GLU A 404 0.52 -17.47 -41.96
C GLU A 404 0.54 -16.74 -43.31
N ARG A 405 1.63 -15.99 -43.49
CA ARG A 405 1.73 -14.82 -44.40
C ARG A 405 2.97 -13.91 -44.09
N GLY A 406 3.97 -14.43 -43.36
CA GLY A 406 5.19 -13.69 -43.03
C GLY A 406 5.30 -13.05 -41.64
N VAL A 407 4.29 -12.27 -41.24
CA VAL A 407 4.37 -11.45 -40.01
C VAL A 407 4.83 -12.24 -38.77
N ASN A 408 5.88 -11.74 -38.12
CA ASN A 408 6.41 -12.27 -36.87
C ASN A 408 6.83 -11.06 -36.02
N LEU A 409 5.96 -10.70 -35.10
CA LEU A 409 6.21 -9.59 -34.19
C LEU A 409 7.28 -9.88 -33.13
N GLY A 410 7.65 -11.14 -32.94
CA GLY A 410 8.55 -11.53 -31.84
C GLY A 410 9.94 -11.00 -32.05
N VAL A 411 10.44 -11.23 -33.27
CA VAL A 411 11.78 -10.84 -33.71
C VAL A 411 11.85 -9.36 -34.04
N ALA A 412 10.91 -8.92 -34.88
CA ALA A 412 10.88 -7.53 -35.36
C ALA A 412 10.98 -6.51 -34.20
N LEU A 413 10.16 -6.70 -33.16
CA LEU A 413 10.22 -5.83 -31.99
C LEU A 413 11.57 -5.88 -31.25
N ARG A 414 12.18 -7.07 -31.16
CA ARG A 414 13.51 -7.20 -30.57
C ARG A 414 14.57 -6.49 -31.42
N ASP A 415 14.52 -6.68 -32.73
CA ASP A 415 15.43 -5.99 -33.65
C ASP A 415 15.35 -4.47 -33.43
N ALA A 416 14.20 -3.90 -33.72
CA ALA A 416 13.97 -2.44 -33.66
C ALA A 416 14.13 -1.81 -32.26
N ALA A 417 13.65 -2.47 -31.22
CA ALA A 417 13.84 -1.98 -29.85
C ALA A 417 15.33 -1.84 -29.48
N ALA A 418 16.08 -2.93 -29.66
CA ALA A 418 17.51 -2.94 -29.32
C ALA A 418 18.29 -1.94 -30.16
N SER A 419 17.81 -1.67 -31.38
CA SER A 419 18.38 -0.58 -32.20
C SER A 419 18.51 0.74 -31.44
N PHE A 420 17.47 1.10 -30.69
CA PHE A 420 17.48 2.35 -29.91
C PHE A 420 17.79 2.12 -28.43
N GLY A 421 18.58 1.10 -28.11
CA GLY A 421 18.90 0.81 -26.69
C GLY A 421 17.72 0.38 -25.84
N GLY A 422 16.60 0.11 -26.49
CA GLY A 422 15.41 -0.36 -25.82
C GLY A 422 15.41 -1.88 -25.85
N THR A 423 14.27 -2.45 -25.47
CA THR A 423 14.17 -3.85 -25.15
C THR A 423 12.78 -4.36 -25.51
N GLY A 424 12.70 -5.27 -26.49
CA GLY A 424 11.45 -5.90 -26.87
C GLY A 424 11.53 -7.40 -27.16
N GLY A 425 10.36 -8.02 -27.24
CA GLY A 425 10.24 -9.37 -27.75
C GLY A 425 8.97 -10.09 -27.38
N GLY A 426 8.86 -11.30 -27.92
CA GLY A 426 7.82 -12.28 -27.58
C GLY A 426 7.67 -13.34 -28.68
N HIS A 427 6.42 -13.57 -29.09
CA HIS A 427 6.02 -14.33 -30.30
C HIS A 427 5.69 -13.12 -31.20
N ASP A 428 5.24 -13.13 -32.46
CA ASP A 428 4.76 -14.13 -33.40
C ASP A 428 3.40 -13.47 -33.70
N ILE A 429 2.36 -13.90 -33.00
CA ILE A 429 1.05 -13.23 -33.04
C ILE A 429 1.01 -11.98 -32.12
N ALA A 430 1.88 -11.95 -31.12
CA ALA A 430 1.85 -10.94 -30.06
C ALA A 430 3.23 -10.61 -29.48
N ALA A 431 3.71 -9.37 -29.60
CA ALA A 431 4.96 -8.93 -28.97
C ALA A 431 4.82 -7.70 -28.06
N GLY A 432 5.85 -7.46 -27.24
CA GLY A 432 5.98 -6.27 -26.39
C GLY A 432 7.32 -5.60 -26.61
N ALA A 433 7.40 -4.28 -26.42
CA ALA A 433 8.69 -3.57 -26.35
C ALA A 433 8.61 -2.33 -25.48
N MET A 434 9.74 -1.96 -24.90
CA MET A 434 9.89 -0.72 -24.15
C MET A 434 10.90 0.08 -24.98
N VAL A 435 10.57 1.32 -25.32
CA VAL A 435 11.39 2.13 -26.26
C VAL A 435 11.46 3.60 -25.81
N PRO A 436 12.59 4.29 -26.08
CA PRO A 436 12.67 5.75 -25.83
C PRO A 436 11.64 6.55 -26.59
N TYR A 437 10.99 7.49 -25.90
CA TYR A 437 9.94 8.35 -26.49
C TYR A 437 10.45 9.29 -27.60
N ARG A 438 11.66 9.81 -27.44
CA ARG A 438 12.36 10.49 -28.53
C ARG A 438 12.52 9.64 -29.81
N ASP A 439 12.66 8.33 -29.65
CA ASP A 439 12.78 7.38 -30.77
C ASP A 439 11.47 6.83 -31.37
N MET A 440 10.35 6.95 -30.66
CA MET A 440 9.04 6.38 -31.07
C MET A 440 8.70 6.46 -32.55
N GLU A 441 8.88 7.66 -33.12
CA GLU A 441 8.60 7.88 -34.55
C GLU A 441 9.53 7.03 -35.44
N SER A 442 10.84 7.07 -35.17
CA SER A 442 11.81 6.29 -35.96
C SER A 442 11.70 4.80 -35.68
N PHE A 443 11.21 4.47 -34.48
CA PHE A 443 10.96 3.10 -34.10
C PHE A 443 9.80 2.54 -34.88
N LEU A 444 8.69 3.26 -34.87
CA LEU A 444 7.52 2.88 -35.67
C LEU A 444 7.78 2.73 -37.17
N GLN A 445 8.70 3.53 -37.72
CA GLN A 445 9.08 3.41 -39.14
C GLN A 445 9.97 2.18 -39.35
N LEU A 446 10.84 1.88 -38.38
CA LEU A 446 11.74 0.72 -38.47
C LEU A 446 11.07 -0.63 -38.35
N VAL A 447 10.04 -0.74 -37.51
CA VAL A 447 9.19 -1.93 -37.44
C VAL A 447 8.42 -2.10 -38.76
N ASP A 448 7.89 -1.00 -39.30
CA ASP A 448 7.18 -1.01 -40.58
C ASP A 448 8.07 -1.46 -41.74
N GLU A 449 9.31 -0.97 -41.76
CA GLU A 449 10.32 -1.37 -42.74
C GLU A 449 10.79 -2.84 -42.55
N ILE A 450 10.82 -3.31 -41.30
CA ILE A 450 11.13 -4.72 -40.99
C ILE A 450 9.97 -5.68 -41.33
N LEU A 451 8.74 -5.28 -41.06
CA LEU A 451 7.57 -6.10 -41.47
C LEU A 451 7.45 -6.20 -42.99
N GLY A 452 7.83 -5.13 -43.71
CA GLY A 452 7.84 -5.12 -45.17
C GLY A 452 8.76 -6.16 -45.79
N THR A 453 9.91 -6.43 -45.16
CA THR A 453 10.80 -7.50 -45.60
C THR A 453 10.20 -8.84 -45.20
N GLN A 454 9.54 -8.90 -44.05
CA GLN A 454 8.88 -10.14 -43.57
C GLN A 454 7.68 -10.56 -44.44
N THR A 455 7.09 -9.63 -45.20
CA THR A 455 5.96 -9.90 -46.12
C THR A 455 6.06 -9.03 -47.42
N GLY A 456 6.62 -9.57 -48.50
CA GLY A 456 6.68 -8.82 -49.78
C GLY A 456 7.55 -9.43 -50.89
N PRO A 457 8.86 -9.62 -50.61
CA PRO A 457 9.79 -10.34 -51.47
C PRO A 457 9.92 -11.80 -51.02
N LEU B 13 2.86 40.53 19.24
CA LEU B 13 3.13 39.83 17.93
C LEU B 13 4.47 40.28 17.34
N PRO B 14 4.60 40.26 16.00
CA PRO B 14 5.72 40.75 15.20
C PRO B 14 5.31 41.30 13.83
N ASP B 15 4.20 42.06 13.79
CA ASP B 15 3.90 43.04 12.70
C ASP B 15 3.75 42.52 11.26
N SER B 16 4.86 42.08 10.67
CA SER B 16 4.96 41.69 9.25
C SER B 16 4.45 40.29 8.89
N ILE B 17 4.57 39.37 9.84
CA ILE B 17 4.01 38.03 9.71
C ILE B 17 2.47 38.03 9.75
N LEU B 18 1.88 39.07 10.35
CA LEU B 18 0.44 39.32 10.26
C LEU B 18 0.08 39.86 8.86
N LYS B 19 0.88 40.81 8.35
CA LYS B 19 0.77 41.24 6.93
C LYS B 19 0.81 40.02 5.98
N ARG B 20 1.80 39.15 6.18
CA ARG B 20 1.97 37.93 5.38
C ARG B 20 0.83 36.91 5.53
N GLY B 21 0.26 36.85 6.74
CA GLY B 21 -0.93 36.04 7.01
C GLY B 21 -2.19 36.55 6.33
N ALA B 22 -2.30 37.87 6.19
CA ALA B 22 -3.48 38.48 5.51
C ALA B 22 -3.36 38.43 3.98
N GLU B 23 -2.13 38.42 3.47
CA GLU B 23 -1.91 38.18 2.05
C GLU B 23 -2.34 36.75 1.72
N ALA B 24 -1.97 35.80 2.56
CA ALA B 24 -2.49 34.42 2.43
C ALA B 24 -4.03 34.30 2.60
N SER B 25 -4.60 35.10 3.51
CA SER B 25 -6.07 35.22 3.59
C SER B 25 -6.70 35.62 2.24
N LYS B 26 -6.30 36.78 1.69
CA LYS B 26 -6.88 37.32 0.46
C LYS B 26 -6.80 36.32 -0.69
N VAL B 27 -5.62 35.77 -0.93
CA VAL B 27 -5.40 34.75 -1.97
C VAL B 27 -6.36 33.55 -1.81
N LEU B 28 -6.49 33.01 -0.60
CA LEU B 28 -7.38 31.88 -0.37
C LEU B 28 -8.82 32.31 -0.64
N GLU B 29 -9.24 33.40 -0.02
CA GLU B 29 -10.61 33.93 -0.21
C GLU B 29 -10.94 34.24 -1.68
N GLU B 30 -9.99 34.80 -2.42
CA GLU B 30 -10.20 35.14 -3.83
C GLU B 30 -10.51 33.86 -4.63
N HIS B 31 -9.79 32.77 -4.37
CA HIS B 31 -10.13 31.47 -4.97
C HIS B 31 -11.51 30.89 -4.58
N LEU B 32 -11.86 31.03 -3.30
CA LEU B 32 -13.14 30.50 -2.82
C LEU B 32 -14.29 31.12 -3.57
N GLU B 33 -14.21 32.44 -3.77
CA GLU B 33 -15.26 33.21 -4.46
C GLU B 33 -15.60 32.67 -5.83
N ARG B 34 -14.54 32.28 -6.56
CA ARG B 34 -14.59 31.60 -7.87
C ARG B 34 -15.00 30.11 -7.86
N GLY B 35 -15.22 29.53 -6.68
CA GLY B 35 -15.56 28.11 -6.54
C GLY B 35 -14.43 27.11 -6.75
N ASN B 36 -13.18 27.54 -6.61
CA ASN B 36 -12.00 26.66 -6.70
C ASN B 36 -11.89 25.69 -5.51
N ILE B 37 -11.64 24.41 -5.81
CA ILE B 37 -11.34 23.42 -4.78
C ILE B 37 -9.91 23.65 -4.33
N ILE B 38 -9.71 23.83 -3.02
CA ILE B 38 -8.41 24.16 -2.44
C ILE B 38 -7.69 22.87 -2.14
N ARG B 39 -6.47 22.76 -2.66
CA ARG B 39 -5.67 21.57 -2.47
C ARG B 39 -4.82 21.69 -1.20
N ILE B 40 -5.13 20.86 -0.19
CA ILE B 40 -4.39 20.88 1.07
C ILE B 40 -3.44 19.69 1.19
N ILE B 41 -2.20 19.99 1.58
CA ILE B 41 -1.12 19.02 1.61
C ILE B 41 -0.37 19.19 2.94
N SER B 42 -0.65 18.33 3.92
CA SER B 42 -0.08 18.48 5.25
C SER B 42 0.74 17.28 5.70
N HIS B 43 1.38 17.44 6.86
CA HIS B 43 2.16 16.35 7.46
C HIS B 43 1.28 15.49 8.39
N ASN B 44 1.79 14.35 8.81
CA ASN B 44 1.02 13.25 9.40
C ASN B 44 1.15 13.10 10.92
N ASP B 45 1.82 14.07 11.54
CA ASP B 45 1.84 14.25 13.00
C ASP B 45 0.74 15.21 13.38
N ALA B 46 0.52 15.39 14.69
CA ALA B 46 -0.60 16.20 15.21
C ALA B 46 -0.52 17.64 14.79
N ASP B 47 0.69 18.14 14.52
CA ASP B 47 0.83 19.49 14.03
C ASP B 47 0.24 19.61 12.62
N GLY B 48 0.58 18.68 11.74
CA GLY B 48 0.11 18.70 10.36
C GLY B 48 -1.38 18.48 10.24
N LEU B 49 -1.89 17.47 10.95
CA LEU B 49 -3.34 17.24 11.04
C LEU B 49 -4.06 18.47 11.58
N SER B 50 -3.57 19.03 12.68
CA SER B 50 -4.28 20.15 13.28
C SER B 50 -4.16 21.39 12.40
N ALA B 51 -3.05 21.50 11.67
CA ALA B 51 -2.92 22.54 10.65
C ALA B 51 -3.94 22.36 9.51
N ALA B 52 -3.93 21.19 8.87
CA ALA B 52 -4.91 20.86 7.85
C ALA B 52 -6.33 21.10 8.35
N GLY B 53 -6.59 20.74 9.61
CA GLY B 53 -7.89 20.95 10.23
C GLY B 53 -8.26 22.41 10.41
N VAL B 54 -7.27 23.24 10.72
CA VAL B 54 -7.45 24.69 10.84
C VAL B 54 -7.85 25.28 9.48
N VAL B 55 -7.05 24.99 8.48
CA VAL B 55 -7.25 25.53 7.13
C VAL B 55 -8.57 25.05 6.54
N ALA B 56 -8.78 23.73 6.61
CA ALA B 56 -10.00 23.08 6.14
C ALA B 56 -11.25 23.56 6.87
N ARG B 57 -11.12 23.92 8.15
CA ARG B 57 -12.26 24.50 8.89
C ARG B 57 -12.52 25.93 8.46
N ALA B 58 -11.44 26.66 8.16
CA ALA B 58 -11.54 28.02 7.66
C ALA B 58 -12.31 28.02 6.36
N ILE B 59 -11.98 27.09 5.47
CA ILE B 59 -12.69 26.87 4.19
C ILE B 59 -14.19 26.53 4.38
N SER B 60 -14.52 25.53 5.22
CA SER B 60 -15.92 25.13 5.42
C SER B 60 -16.79 26.22 6.01
N SER B 61 -16.21 27.09 6.83
CA SER B 61 -16.98 28.21 7.43
C SER B 61 -17.46 29.10 6.32
N MET B 62 -16.65 29.21 5.27
CA MET B 62 -16.97 29.99 4.09
C MET B 62 -17.62 29.17 2.96
N ASN B 63 -18.20 28.02 3.31
CA ASN B 63 -18.95 27.20 2.36
C ASN B 63 -18.20 26.91 1.06
N GLY B 64 -16.92 26.58 1.21
CA GLY B 64 -16.01 26.13 0.14
C GLY B 64 -15.66 24.66 0.30
N GLN B 65 -14.75 24.17 -0.52
CA GLN B 65 -14.36 22.76 -0.49
C GLN B 65 -12.86 22.61 -0.49
N PHE B 66 -12.41 21.40 -0.19
CA PHE B 66 -10.99 21.10 -0.15
C PHE B 66 -10.74 19.63 -0.44
N HIS B 67 -9.57 19.33 -1.02
CA HIS B 67 -9.06 17.97 -1.16
C HIS B 67 -7.72 17.87 -0.40
N ILE B 68 -7.72 17.04 0.66
CA ILE B 68 -6.58 16.93 1.57
C ILE B 68 -5.76 15.69 1.22
N SER B 69 -4.44 15.84 1.27
CA SER B 69 -3.54 14.72 1.26
C SER B 69 -2.63 14.82 2.46
N ILE B 70 -2.32 13.69 3.11
CA ILE B 70 -1.43 13.70 4.27
C ILE B 70 -0.24 12.86 3.96
N LEU B 71 0.94 13.37 4.21
CA LEU B 71 2.17 12.68 3.83
C LEU B 71 3.08 12.47 5.01
N SER B 72 3.74 11.31 5.04
CA SER B 72 4.86 11.10 5.95
C SER B 72 5.97 12.09 5.63
N ARG B 73 6.13 12.40 4.34
CA ARG B 73 7.28 13.15 3.82
C ARG B 73 6.85 13.96 2.60
N LEU B 74 7.56 15.04 2.30
CA LEU B 74 7.44 15.64 0.98
C LEU B 74 8.65 15.20 0.21
N LYS B 75 8.41 14.65 -0.99
CA LYS B 75 9.46 14.27 -1.95
C LYS B 75 9.14 14.95 -3.33
N LYS B 76 10.16 15.07 -4.19
CA LYS B 76 10.04 15.90 -5.40
C LYS B 76 9.19 15.24 -6.48
N GLU B 77 9.18 13.90 -6.54
CA GLU B 77 8.27 13.19 -7.44
C GLU B 77 6.79 13.43 -7.07
N PHE B 78 6.50 13.59 -5.78
CA PHE B 78 5.13 13.89 -5.37
C PHE B 78 4.67 15.21 -5.97
N ILE B 79 5.56 16.20 -5.90
CA ILE B 79 5.28 17.58 -6.35
C ILE B 79 5.15 17.67 -7.87
N LYS B 80 5.96 16.91 -8.61
CA LYS B 80 5.77 16.79 -10.05
C LYS B 80 4.28 16.40 -10.38
N LYS B 81 3.73 15.39 -9.70
CA LYS B 81 2.34 14.90 -9.95
C LYS B 81 1.22 15.91 -9.61
N LEU B 82 1.50 16.86 -8.72
CA LEU B 82 0.57 17.98 -8.42
C LEU B 82 0.15 18.83 -9.63
N SER B 83 1.15 19.27 -10.41
CA SER B 83 0.89 19.99 -11.68
C SER B 83 -0.07 19.23 -12.60
N GLY B 84 0.08 17.91 -12.67
CA GLY B 84 -0.84 17.02 -13.39
C GLY B 84 -2.31 17.18 -12.99
N GLU B 85 -2.55 17.41 -11.71
CA GLU B 85 -3.90 17.73 -11.20
C GLU B 85 -4.25 19.19 -11.52
N LYS B 86 -5.51 19.43 -11.87
CA LYS B 86 -6.03 20.75 -12.19
C LYS B 86 -6.56 21.41 -10.91
N TYR B 87 -5.62 21.89 -10.11
CA TYR B 87 -5.92 22.65 -8.90
C TYR B 87 -5.24 23.99 -9.08
N SER B 88 -5.94 25.06 -8.69
CA SER B 88 -5.48 26.44 -8.86
C SER B 88 -4.78 26.99 -7.62
N LEU B 89 -5.19 26.54 -6.42
CA LEU B 89 -4.52 26.86 -5.12
C LEU B 89 -4.09 25.59 -4.38
N PHE B 90 -2.79 25.51 -4.12
CA PHE B 90 -2.16 24.48 -3.31
C PHE B 90 -1.75 25.08 -1.96
N PHE B 91 -2.25 24.52 -0.86
CA PHE B 91 -1.94 24.97 0.49
C PHE B 91 -1.08 23.93 1.17
N PHE B 92 0.21 24.21 1.33
CA PHE B 92 1.14 23.34 2.06
C PHE B 92 1.22 23.73 3.55
N CYS B 93 1.17 22.74 4.45
CA CYS B 93 1.32 22.97 5.89
C CYS B 93 2.39 22.08 6.47
N ASP B 94 3.27 22.63 7.28
CA ASP B 94 4.29 21.86 7.99
C ASP B 94 5.27 21.14 7.04
N MET B 95 5.48 21.71 5.86
CA MET B 95 6.45 21.23 4.89
C MET B 95 6.40 22.14 3.66
N GLY B 96 7.45 22.12 2.86
CA GLY B 96 7.51 22.89 1.63
C GLY B 96 8.47 24.07 1.68
N SER B 97 8.86 24.48 2.89
CA SER B 97 9.89 25.52 3.04
C SER B 97 11.24 25.06 2.52
N ALA B 98 11.48 23.74 2.56
CA ALA B 98 12.70 23.15 1.97
C ALA B 98 12.57 22.75 0.47
N TYR B 99 11.52 23.21 -0.21
CA TYR B 99 11.24 22.81 -1.61
C TYR B 99 10.57 23.96 -2.40
N LEU B 100 10.92 25.19 -2.06
CA LEU B 100 10.36 26.38 -2.71
C LEU B 100 10.72 26.46 -4.22
N GLU B 101 11.97 26.12 -4.57
CA GLU B 101 12.39 26.06 -5.97
C GLU B 101 11.37 25.20 -6.75
N GLU B 102 11.15 23.99 -6.25
CA GLU B 102 10.35 22.97 -6.95
C GLU B 102 8.85 23.26 -6.85
N ILE B 103 8.42 23.75 -5.68
CA ILE B 103 7.04 24.24 -5.47
C ILE B 103 6.71 25.47 -6.36
N SER B 104 7.68 26.37 -6.58
CA SER B 104 7.54 27.47 -7.58
C SER B 104 7.44 26.96 -9.04
N ARG B 105 8.14 25.89 -9.41
CA ARG B 105 7.91 25.28 -10.74
C ARG B 105 6.42 24.81 -10.89
N LEU B 106 5.66 24.75 -9.79
CA LEU B 106 4.19 24.55 -9.85
C LEU B 106 3.48 25.82 -10.36
N LYS B 107 2.38 25.58 -11.08
CA LYS B 107 1.54 26.65 -11.64
C LYS B 107 0.46 26.92 -10.64
N GLY B 108 -0.37 27.93 -10.90
CA GLY B 108 -1.37 28.35 -9.94
C GLY B 108 -0.75 28.90 -8.65
N ASP B 109 -1.62 29.34 -7.75
CA ASP B 109 -1.21 29.93 -6.48
C ASP B 109 -0.78 28.88 -5.42
N VAL B 110 0.21 29.22 -4.61
CA VAL B 110 0.75 28.34 -3.57
C VAL B 110 0.91 29.09 -2.25
N ILE B 111 0.61 28.44 -1.12
CA ILE B 111 0.89 28.97 0.23
C ILE B 111 1.72 27.95 0.99
N VAL B 112 2.90 28.30 1.47
CA VAL B 112 3.63 27.39 2.40
C VAL B 112 3.49 27.98 3.79
N ALA B 113 2.59 27.40 4.59
CA ALA B 113 2.52 27.69 6.02
C ALA B 113 3.37 26.59 6.64
N ASP B 114 4.63 26.89 6.94
CA ASP B 114 5.58 25.88 7.42
C ASP B 114 6.51 26.50 8.50
N HIS B 115 7.29 25.68 9.20
CA HIS B 115 8.27 26.21 10.18
C HIS B 115 9.55 25.38 10.28
N HIS B 116 9.94 24.72 9.19
CA HIS B 116 11.26 24.10 9.11
C HIS B 116 12.23 25.19 8.61
N GLN B 117 13.53 24.92 8.74
CA GLN B 117 14.56 25.83 8.29
C GLN B 117 14.28 26.13 6.82
N PRO B 118 14.03 27.41 6.49
CA PRO B 118 13.71 27.73 5.10
C PRO B 118 14.93 27.58 4.21
N SER B 119 14.69 27.22 2.95
CA SER B 119 15.73 27.23 1.94
C SER B 119 16.21 28.68 1.77
N GLU B 120 17.54 28.85 1.78
CA GLU B 120 18.19 30.09 1.32
C GLU B 120 17.68 30.45 -0.08
N SER B 121 17.41 29.44 -0.92
CA SER B 121 16.78 29.60 -2.25
C SER B 121 15.29 29.94 -2.15
N GLU B 122 14.96 31.08 -1.51
CA GLU B 122 13.59 31.46 -1.13
C GLU B 122 12.86 32.14 -2.29
N ALA B 123 12.54 31.34 -3.30
CA ALA B 123 11.96 31.81 -4.55
C ALA B 123 10.44 32.03 -4.39
N GLY B 124 9.68 31.96 -5.50
CA GLY B 124 8.24 32.09 -5.49
C GLY B 124 7.74 33.53 -5.56
N PRO B 125 7.16 33.93 -6.71
CA PRO B 125 6.24 35.07 -6.81
C PRO B 125 4.74 34.68 -6.82
N HIS B 126 4.41 33.47 -7.31
CA HIS B 126 3.06 32.89 -7.11
C HIS B 126 2.82 32.47 -5.64
N VAL B 127 3.90 32.21 -4.93
CA VAL B 127 3.90 31.64 -3.58
C VAL B 127 3.77 32.70 -2.50
N VAL B 128 2.88 32.46 -1.53
CA VAL B 128 2.79 33.22 -0.26
C VAL B 128 3.42 32.34 0.82
N HIS B 129 4.64 32.64 1.22
CA HIS B 129 5.34 31.80 2.17
C HIS B 129 5.15 32.39 3.57
N ILE B 130 4.73 31.57 4.54
CA ILE B 130 4.61 32.02 5.95
C ILE B 130 5.45 31.11 6.83
N ASN B 131 6.45 31.68 7.49
CA ASN B 131 7.38 30.90 8.30
C ASN B 131 7.97 31.77 9.40
N PRO B 132 7.95 31.30 10.65
CA PRO B 132 8.58 32.07 11.74
C PRO B 132 10.04 32.46 11.47
N HIS B 133 10.86 31.51 11.00
CA HIS B 133 12.27 31.80 10.68
C HIS B 133 12.47 33.07 9.82
N LEU B 134 11.50 33.39 8.95
CA LEU B 134 11.55 34.60 8.12
C LEU B 134 10.96 35.87 8.75
N HIS B 135 10.71 35.86 10.06
CA HIS B 135 10.19 37.07 10.73
C HIS B 135 10.83 37.25 12.14
N GLY B 136 12.09 36.83 12.26
CA GLY B 136 12.85 36.94 13.52
C GLY B 136 12.34 36.09 14.66
N LEU B 137 11.67 35.00 14.34
CA LEU B 137 11.07 34.10 15.33
C LEU B 137 11.74 32.72 15.26
N ASP B 138 11.84 32.07 16.41
CA ASP B 138 12.39 30.72 16.51
C ASP B 138 11.29 29.71 16.08
N GLY B 139 11.65 28.77 15.20
CA GLY B 139 10.72 27.72 14.74
C GLY B 139 10.60 26.50 15.64
N SER B 140 11.46 26.42 16.67
CA SER B 140 11.46 25.38 17.72
C SER B 140 10.80 25.77 19.05
N ARG B 141 10.35 27.02 19.16
CA ARG B 141 9.69 27.48 20.38
C ARG B 141 8.45 28.36 20.09
N ASP B 142 8.56 29.31 19.18
CA ASP B 142 7.56 30.37 19.06
C ASP B 142 6.35 30.11 18.17
N LEU B 143 6.42 29.14 17.25
CA LEU B 143 5.35 28.98 16.26
C LEU B 143 5.39 27.67 15.50
N SER B 144 4.24 26.98 15.51
CA SER B 144 4.08 25.68 14.86
C SER B 144 3.40 25.84 13.48
N ALA B 145 3.18 24.73 12.79
CA ALA B 145 2.55 24.80 11.49
C ALA B 145 1.15 25.22 11.73
N SER B 146 0.47 24.47 12.58
CA SER B 146 -0.91 24.77 12.95
C SER B 146 -1.09 26.23 13.32
N GLY B 147 -0.09 26.85 13.95
CA GLY B 147 -0.11 28.28 14.26
C GLY B 147 0.16 29.17 13.06
N THR B 148 1.16 28.80 12.27
CA THR B 148 1.41 29.44 10.97
C THR B 148 0.18 29.57 10.09
N ALA B 149 -0.56 28.47 9.97
CA ALA B 149 -1.83 28.43 9.23
C ALA B 149 -2.93 29.22 9.91
N TYR B 150 -2.96 29.22 11.22
CA TYR B 150 -3.90 30.10 11.90
C TYR B 150 -3.67 31.54 11.47
N LEU B 151 -2.40 31.92 11.31
CA LEU B 151 -2.05 33.27 10.85
C LEU B 151 -2.50 33.52 9.42
N ALA B 152 -2.34 32.49 8.59
CA ALA B 152 -2.85 32.50 7.23
C ALA B 152 -4.35 32.76 7.15
N THR B 153 -5.09 32.45 8.23
CA THR B 153 -6.52 32.24 8.23
C THR B 153 -7.37 33.05 9.27
N ARG B 154 -6.72 33.56 10.31
CA ARG B 154 -7.36 34.43 11.34
C ARG B 154 -8.26 35.56 10.84
N LEU B 155 -7.94 36.19 9.72
CA LEU B 155 -8.85 37.19 9.10
C LEU B 155 -10.17 36.54 8.60
N LEU B 156 -10.11 35.33 8.03
CA LEU B 156 -11.33 34.56 7.69
C LEU B 156 -12.03 33.96 8.93
N ASN B 157 -11.29 33.22 9.78
CA ASN B 157 -11.87 32.48 10.92
C ASN B 157 -11.01 32.45 12.22
N ARG B 158 -11.64 32.81 13.34
CA ARG B 158 -10.99 32.93 14.64
C ARG B 158 -11.37 31.81 15.62
N LYS B 159 -12.29 30.93 15.22
CA LYS B 159 -12.72 29.81 16.06
C LYS B 159 -11.76 28.61 15.98
N THR B 160 -10.78 28.68 15.10
CA THR B 160 -9.75 27.63 14.99
C THR B 160 -8.59 27.75 15.98
N ALA B 161 -8.51 28.85 16.75
CA ALA B 161 -7.36 29.11 17.64
C ALA B 161 -6.94 27.94 18.58
N PRO B 162 -7.90 27.29 19.27
CA PRO B 162 -7.57 26.13 20.07
C PRO B 162 -6.82 25.04 19.35
N LEU B 163 -7.30 24.68 18.16
CA LEU B 163 -6.61 23.72 17.26
C LEU B 163 -5.21 24.09 16.83
N ALA B 164 -4.95 25.38 16.66
CA ALA B 164 -3.62 25.88 16.31
C ALA B 164 -2.67 25.46 17.38
N LEU B 165 -3.15 25.65 18.62
CA LEU B 165 -2.34 25.42 19.81
C LEU B 165 -2.13 23.96 20.08
N VAL B 166 -3.12 23.13 19.72
CA VAL B 166 -2.96 21.65 19.72
C VAL B 166 -1.69 21.16 19.01
N GLY B 167 -1.39 21.76 17.88
CA GLY B 167 -0.21 21.36 17.12
C GLY B 167 1.08 21.85 17.72
N ALA B 168 1.00 22.99 18.40
CA ALA B 168 2.11 23.51 19.20
C ALA B 168 2.48 22.55 20.33
N LEU B 169 1.47 21.90 20.91
CA LEU B 169 1.67 20.90 21.96
C LEU B 169 2.19 19.58 21.44
N GLY B 170 1.77 19.21 20.23
CA GLY B 170 2.30 18.04 19.57
C GLY B 170 3.76 18.23 19.23
N ASP B 171 4.12 19.44 18.77
CA ASP B 171 5.50 19.82 18.41
C ASP B 171 6.40 20.26 19.58
N MET B 172 5.87 20.24 20.80
CA MET B 172 6.64 20.45 22.03
C MET B 172 7.24 21.86 22.13
N GLN B 173 6.38 22.85 21.89
CA GLN B 173 6.75 24.26 21.94
C GLN B 173 6.23 24.96 23.21
N TYR B 174 6.03 24.18 24.26
CA TYR B 174 5.64 24.68 25.57
C TYR B 174 6.61 24.12 26.63
N THR B 175 7.42 25.01 27.21
CA THR B 175 8.10 24.77 28.50
C THR B 175 8.16 26.12 29.20
N ASP B 176 7.62 26.18 30.42
CA ASP B 176 7.50 27.41 31.25
C ASP B 176 6.36 28.38 30.83
N GLY B 177 5.67 28.10 29.71
CA GLY B 177 4.72 29.03 29.08
C GLY B 177 4.82 28.91 27.57
N PHE B 178 3.74 29.17 26.83
CA PHE B 178 3.86 29.36 25.36
C PHE B 178 4.60 30.66 25.17
N THR B 179 5.34 30.75 24.09
CA THR B 179 6.12 31.94 23.83
C THR B 179 5.72 32.51 22.46
N GLY B 180 6.26 33.67 22.09
CA GLY B 180 6.00 34.29 20.79
C GLY B 180 4.57 34.20 20.23
N ALA B 181 4.47 33.81 18.96
CA ALA B 181 3.20 33.75 18.26
C ALA B 181 2.21 32.81 18.95
N ASN B 182 2.68 31.67 19.47
CA ASN B 182 1.81 30.79 20.25
C ASN B 182 1.14 31.54 21.41
N ARG B 183 1.93 32.34 22.14
CA ARG B 183 1.44 33.16 23.25
C ARG B 183 0.40 34.12 22.74
N PHE B 184 0.73 34.79 21.66
CA PHE B 184 -0.21 35.70 20.98
C PHE B 184 -1.53 35.01 20.51
N ILE B 185 -1.42 33.79 19.98
CA ILE B 185 -2.59 32.99 19.59
C ILE B 185 -3.35 32.57 20.83
N MET B 186 -2.65 32.33 21.93
CA MET B 186 -3.28 31.91 23.21
C MET B 186 -4.20 33.01 23.67
N GLU B 187 -3.63 34.22 23.80
CA GLU B 187 -4.37 35.42 24.20
C GLU B 187 -5.57 35.67 23.28
N GLU B 188 -5.33 35.62 21.98
CA GLU B 188 -6.44 35.73 21.02
C GLU B 188 -7.55 34.70 21.28
N ALA B 189 -7.21 33.44 21.42
CA ALA B 189 -8.22 32.42 21.66
C ALA B 189 -9.01 32.69 22.94
N VAL B 190 -8.33 33.21 23.97
CA VAL B 190 -8.99 33.45 25.24
C VAL B 190 -9.99 34.61 25.10
N GLU B 191 -9.50 35.74 24.55
CA GLU B 191 -10.33 36.94 24.26
C GLU B 191 -11.51 36.68 23.30
N GLU B 192 -11.37 35.71 22.41
CA GLU B 192 -12.46 35.25 21.58
C GLU B 192 -13.50 34.42 22.38
N GLY B 193 -13.23 34.13 23.66
CA GLY B 193 -14.04 33.19 24.43
C GLY B 193 -14.14 31.80 23.80
N VAL B 194 -13.02 31.25 23.33
CA VAL B 194 -12.96 29.86 22.84
C VAL B 194 -11.97 29.00 23.61
N LEU B 195 -10.95 29.63 24.21
CA LEU B 195 -10.05 28.92 25.12
C LEU B 195 -10.06 29.43 26.58
N GLN B 196 -9.99 28.48 27.50
CA GLN B 196 -9.76 28.72 28.93
C GLN B 196 -8.36 28.24 29.35
N VAL B 197 -7.61 29.05 30.12
CA VAL B 197 -6.37 28.62 30.78
C VAL B 197 -6.52 28.54 32.30
N HIS B 198 -6.15 27.42 32.89
CA HIS B 198 -6.16 27.29 34.35
C HIS B 198 -4.91 26.58 34.84
N SER B 199 -4.61 26.83 36.10
CA SER B 199 -3.56 26.09 36.74
C SER B 199 -4.25 24.95 37.42
N ASP B 200 -3.91 23.76 36.97
CA ASP B 200 -4.51 22.52 37.41
C ASP B 200 -3.49 21.39 37.20
N LEU B 201 -3.87 20.15 37.45
CA LEU B 201 -2.94 19.06 37.39
C LEU B 201 -2.84 18.62 35.96
N LYS B 202 -1.65 18.37 35.42
CA LYS B 202 -1.52 18.04 34.00
C LYS B 202 -1.62 16.56 33.81
N LEU B 203 -2.72 16.00 34.27
CA LEU B 203 -2.97 14.56 34.15
C LEU B 203 -3.61 14.22 32.80
N ALA B 204 -3.30 13.01 32.33
CA ALA B 204 -3.73 12.53 31.01
C ALA B 204 -5.19 12.04 31.01
N SER B 205 -5.97 12.55 30.06
CA SER B 205 -7.31 12.06 29.76
C SER B 205 -8.20 12.09 31.01
N ARG B 206 -8.26 13.27 31.64
CA ARG B 206 -8.97 13.51 32.91
C ARG B 206 -10.38 13.13 32.86
N TYR B 207 -11.00 13.52 31.74
CA TYR B 207 -12.43 13.43 31.55
C TYR B 207 -12.85 12.00 31.24
N THR B 208 -11.94 11.20 30.69
CA THR B 208 -12.31 9.93 30.09
C THR B 208 -11.83 8.68 30.81
N GLU B 209 -10.84 8.78 31.67
CA GLU B 209 -10.33 7.57 32.32
C GLU B 209 -10.50 7.71 33.84
N PRO B 210 -10.61 6.60 34.57
CA PRO B 210 -10.60 6.80 36.03
C PRO B 210 -9.20 7.23 36.54
N LEU B 211 -9.19 7.76 37.77
CA LEU B 211 -8.04 8.48 38.29
C LEU B 211 -6.75 7.67 38.22
N TYR B 212 -6.79 6.40 38.56
CA TYR B 212 -5.55 5.58 38.54
C TYR B 212 -4.98 5.38 37.11
N ARG B 213 -5.85 5.26 36.11
CA ARG B 213 -5.41 5.11 34.73
C ARG B 213 -4.83 6.41 34.25
N SER B 214 -5.51 7.48 34.60
CA SER B 214 -5.14 8.83 34.20
C SER B 214 -3.74 9.22 34.68
N ILE B 215 -3.39 8.77 35.87
CA ILE B 215 -2.06 8.93 36.48
C ILE B 215 -1.04 8.04 35.80
N ALA B 216 -1.37 6.77 35.67
CA ALA B 216 -0.57 5.78 34.94
C ALA B 216 -0.25 6.13 33.47
N TYR B 217 -1.05 7.01 32.87
CA TYR B 217 -0.89 7.43 31.47
C TYR B 217 -0.28 8.84 31.33
N THR B 218 0.10 9.45 32.45
CA THR B 218 0.77 10.73 32.43
C THR B 218 2.25 10.36 32.31
N PHE B 219 2.67 10.28 31.04
CA PHE B 219 4.03 10.04 30.61
C PHE B 219 4.85 11.30 30.51
N ASN B 220 4.15 12.41 30.31
CA ASN B 220 4.76 13.70 30.37
C ASN B 220 3.80 14.69 31.00
N PRO B 221 4.15 15.35 32.09
CA PRO B 221 5.40 15.14 32.83
C PRO B 221 5.44 13.84 33.59
N ALA B 222 6.66 13.39 33.83
CA ALA B 222 6.99 12.08 34.43
C ALA B 222 6.53 12.00 35.86
N LEU B 223 5.95 10.88 36.28
CA LEU B 223 5.73 10.61 37.70
C LEU B 223 6.51 9.37 38.14
N PRO B 224 7.64 9.57 38.85
CA PRO B 224 8.42 8.46 39.39
C PRO B 224 7.57 7.48 40.22
N GLY B 225 7.60 6.21 39.85
CA GLY B 225 6.92 5.16 40.58
C GLY B 225 5.54 4.89 40.00
N LEU B 226 4.88 5.94 39.49
CA LEU B 226 3.48 5.87 39.05
C LEU B 226 3.28 5.70 37.57
N THR B 227 4.01 6.49 36.79
CA THR B 227 3.88 6.45 35.34
C THR B 227 4.05 5.03 34.75
N GLY B 228 2.98 4.56 34.14
CA GLY B 228 2.98 3.29 33.46
C GLY B 228 2.85 2.12 34.39
N ASP B 229 2.45 2.36 35.64
CA ASP B 229 2.35 1.29 36.63
C ASP B 229 1.02 1.39 37.37
N MET B 230 0.09 0.56 36.95
CA MET B 230 -1.28 0.62 37.37
C MET B 230 -1.44 0.12 38.78
N GLU B 231 -0.88 -1.02 39.13
CA GLU B 231 -0.86 -1.43 40.56
C GLU B 231 -0.25 -0.29 41.40
N ALA B 232 0.88 0.25 40.97
CA ALA B 232 1.53 1.30 41.76
C ALA B 232 0.69 2.56 41.94
N SER B 233 -0.15 2.88 40.96
CA SER B 233 -0.90 4.15 40.99
C SER B 233 -2.24 3.96 41.68
N MET B 234 -2.81 2.78 41.56
CA MET B 234 -3.94 2.44 42.40
C MET B 234 -3.50 2.47 43.88
N GLY B 235 -2.29 1.96 44.15
CA GLY B 235 -1.76 1.86 45.52
C GLY B 235 -1.56 3.21 46.17
N PHE B 236 -0.86 4.08 45.45
CA PHE B 236 -0.73 5.48 45.78
C PHE B 236 -2.05 6.15 46.15
N LEU B 237 -3.10 5.89 45.39
CA LEU B 237 -4.39 6.49 45.71
C LEU B 237 -5.01 5.92 47.01
N GLU B 238 -5.02 4.60 47.20
CA GLU B 238 -5.48 4.01 48.49
C GLU B 238 -4.69 4.60 49.66
N ASN B 239 -3.37 4.54 49.53
CA ASN B 239 -2.44 5.09 50.50
C ASN B 239 -2.80 6.54 50.95
N ILE B 240 -2.93 7.44 50.00
CA ILE B 240 -3.18 8.85 50.31
C ILE B 240 -4.64 9.18 50.56
N GLY B 241 -5.56 8.24 50.36
CA GLY B 241 -6.98 8.45 50.71
C GLY B 241 -7.89 8.91 49.60
N VAL B 242 -7.40 8.96 48.36
CA VAL B 242 -8.17 9.50 47.26
C VAL B 242 -8.79 8.32 46.48
N SER B 243 -10.04 8.46 46.07
CA SER B 243 -10.75 7.34 45.41
C SER B 243 -10.15 7.05 44.04
N TYR B 244 -9.66 5.83 43.84
CA TYR B 244 -8.99 5.47 42.59
C TYR B 244 -9.90 5.31 41.36
N GLY B 245 -11.16 4.97 41.56
CA GLY B 245 -12.04 4.55 40.47
C GLY B 245 -12.86 5.62 39.81
N VAL B 246 -12.89 6.83 40.37
CA VAL B 246 -13.63 7.97 39.80
C VAL B 246 -12.79 8.83 38.87
N LYS B 247 -13.47 9.69 38.12
CA LYS B 247 -12.78 10.53 37.19
C LYS B 247 -12.35 11.73 37.98
N TYR B 248 -11.24 12.32 37.57
CA TYR B 248 -10.68 13.46 38.26
C TYR B 248 -11.73 14.55 38.58
N PRO B 249 -12.63 14.87 37.64
CA PRO B 249 -13.59 15.94 37.97
C PRO B 249 -14.70 15.58 39.00
N ASP B 250 -14.94 14.29 39.22
CA ASP B 250 -15.90 13.79 40.22
C ASP B 250 -15.34 13.76 41.66
N LEU B 251 -14.07 14.11 41.85
CA LEU B 251 -13.47 14.19 43.18
C LEU B 251 -14.04 15.35 44.01
N SER B 252 -14.16 15.14 45.32
CA SER B 252 -14.50 16.26 46.20
C SER B 252 -13.37 17.27 46.30
N PRO B 253 -13.69 18.52 46.70
CA PRO B 253 -12.69 19.60 46.85
C PRO B 253 -11.42 19.27 47.60
N GLU B 254 -11.51 18.44 48.64
CA GLU B 254 -10.33 18.11 49.44
C GLU B 254 -9.66 16.84 48.97
N GLU B 255 -10.43 15.88 48.46
CA GLU B 255 -9.78 14.78 47.75
C GLU B 255 -8.88 15.39 46.68
N ARG B 256 -9.36 16.41 46.01
CA ARG B 256 -8.61 17.12 45.00
C ARG B 256 -7.38 17.83 45.61
N ASP B 257 -7.59 18.50 46.74
CA ASP B 257 -6.51 19.15 47.49
C ASP B 257 -5.41 18.16 47.87
N VAL B 258 -5.78 16.95 48.22
CA VAL B 258 -4.82 15.99 48.73
C VAL B 258 -4.01 15.45 47.59
N LEU B 259 -4.71 14.99 46.55
CA LEU B 259 -4.07 14.59 45.31
C LEU B 259 -3.11 15.68 44.75
N ARG B 260 -3.55 16.94 44.75
CA ARG B 260 -2.70 17.99 44.21
C ARG B 260 -1.38 18.00 44.95
N ASP B 261 -1.51 18.08 46.27
CA ASP B 261 -0.41 18.12 47.20
C ASP B 261 0.48 16.91 46.98
N GLU B 262 -0.09 15.73 47.02
CA GLU B 262 0.70 14.50 46.96
C GLU B 262 1.43 14.22 45.65
N LEU B 263 0.92 14.74 44.55
CA LEU B 263 1.55 14.54 43.23
C LEU B 263 2.58 15.62 42.91
N THR B 264 2.40 16.79 43.52
CA THR B 264 3.36 17.85 43.43
C THR B 264 4.68 17.50 44.08
N ARG B 265 4.69 16.73 45.16
CA ARG B 265 5.96 16.32 45.78
C ARG B 265 6.65 15.22 44.99
N ILE B 266 5.87 14.41 44.30
CA ILE B 266 6.43 13.44 43.36
C ILE B 266 7.14 14.13 42.22
N ASN B 267 6.55 15.21 41.71
CA ASN B 267 7.11 15.99 40.62
C ASN B 267 6.30 17.25 40.47
N PRO B 268 6.87 18.38 40.84
CA PRO B 268 5.96 19.51 40.90
C PRO B 268 5.61 20.10 39.55
N GLU B 269 6.18 19.62 38.45
CA GLU B 269 5.78 20.20 37.16
C GLU B 269 4.46 19.58 36.66
N ILE B 270 3.98 18.56 37.35
CA ILE B 270 2.60 18.10 37.26
C ILE B 270 1.54 19.21 37.46
N PHE B 271 1.79 20.22 38.30
CA PHE B 271 0.83 21.34 38.44
C PHE B 271 1.27 22.48 37.52
N GLY B 272 0.33 23.06 36.75
CA GLY B 272 0.64 24.04 35.73
C GLY B 272 -0.51 24.41 34.81
N GLU B 273 -0.22 25.33 33.88
CA GLU B 273 -1.16 25.80 32.85
C GLU B 273 -1.79 24.65 32.06
N VAL B 274 -3.11 24.65 32.00
CA VAL B 274 -3.87 23.67 31.22
C VAL B 274 -4.90 24.42 30.37
N PHE B 275 -5.11 23.93 29.15
CA PHE B 275 -5.89 24.62 28.12
C PHE B 275 -7.08 23.80 27.73
N THR B 276 -8.24 24.43 27.78
CA THR B 276 -9.54 23.74 27.63
C THR B 276 -10.41 24.55 26.68
N SER B 277 -11.39 23.88 26.08
CA SER B 277 -12.17 24.50 25.05
C SER B 277 -13.49 23.78 24.93
N ARG B 278 -14.57 24.53 24.66
CA ARG B 278 -15.90 23.93 24.53
C ARG B 278 -15.96 22.89 23.42
N GLU B 279 -15.28 23.13 22.31
CA GLU B 279 -15.31 22.14 21.22
C GLU B 279 -14.69 20.79 21.60
N PHE B 280 -13.81 20.79 22.61
CA PHE B 280 -13.17 19.56 23.03
C PHE B 280 -13.66 19.00 24.32
N ARG B 281 -14.43 19.75 25.11
CA ARG B 281 -15.01 19.22 26.35
C ARG B 281 -15.50 17.77 26.14
N ASN B 282 -15.13 16.89 27.07
CA ASN B 282 -15.48 15.45 27.00
C ASN B 282 -14.69 14.63 25.94
N ILE B 283 -13.61 15.18 25.39
CA ILE B 283 -12.48 14.39 24.90
C ILE B 283 -11.27 14.54 25.83
N GLY B 284 -11.02 15.79 26.23
CA GLY B 284 -9.81 16.17 26.96
C GLY B 284 -9.41 17.60 26.66
N ASP B 285 -8.37 18.04 27.35
CA ASP B 285 -7.78 19.37 27.16
C ASP B 285 -6.87 19.37 25.90
N LEU B 286 -6.24 20.48 25.58
CA LEU B 286 -5.54 20.55 24.30
C LEU B 286 -4.49 19.47 24.06
N SER B 287 -3.73 19.11 25.08
CA SER B 287 -2.71 18.09 24.88
C SER B 287 -3.35 16.70 24.76
N ASP B 288 -4.50 16.51 25.40
CA ASP B 288 -5.18 15.24 25.28
C ASP B 288 -5.51 15.09 23.83
N ILE B 289 -5.94 16.19 23.21
CA ILE B 289 -6.18 16.27 21.77
C ILE B 289 -4.89 16.00 20.98
N ALA B 290 -3.78 16.67 21.32
CA ALA B 290 -2.46 16.39 20.69
C ALA B 290 -2.15 14.90 20.68
N GLY B 291 -2.43 14.26 21.82
CA GLY B 291 -2.26 12.82 21.96
C GLY B 291 -3.15 11.99 21.04
N VAL B 292 -4.39 12.42 20.88
CA VAL B 292 -5.35 11.66 20.10
C VAL B 292 -4.96 11.72 18.64
N LEU B 293 -4.54 12.89 18.18
CA LEU B 293 -4.15 13.06 16.76
C LEU B 293 -2.86 12.36 16.46
N ASP B 294 -1.90 12.37 17.39
CA ASP B 294 -0.64 11.65 17.17
C ASP B 294 -0.91 10.15 17.01
N ALA B 295 -1.93 9.64 17.70
CA ALA B 295 -2.30 8.24 17.62
C ALA B 295 -2.81 7.85 16.21
N CYS B 296 -3.84 8.55 15.74
CA CYS B 296 -4.30 8.47 14.34
C CYS B 296 -3.14 8.58 13.31
N GLY B 297 -2.24 9.54 13.55
CA GLY B 297 -1.11 9.73 12.66
C GLY B 297 -0.26 8.48 12.58
N LYS B 298 0.01 7.88 13.73
CA LYS B 298 0.92 6.76 13.77
C LYS B 298 0.29 5.55 13.14
N ASN B 299 -1.03 5.45 13.18
CA ASN B 299 -1.76 4.33 12.58
C ASN B 299 -2.20 4.57 11.13
N ARG B 300 -1.66 5.62 10.50
CA ARG B 300 -2.08 6.07 9.16
C ARG B 300 -3.60 6.16 8.96
N LYS B 301 -4.30 6.66 9.96
CA LYS B 301 -5.76 6.76 9.93
C LYS B 301 -6.12 8.24 9.94
N TYR B 302 -5.66 8.88 8.86
CA TYR B 302 -5.68 10.33 8.69
C TYR B 302 -7.07 10.95 8.55
N GLY B 303 -8.02 10.16 8.06
CA GLY B 303 -9.39 10.65 7.91
C GLY B 303 -10.08 10.87 9.23
N ILE B 304 -9.97 9.90 10.14
CA ILE B 304 -10.49 10.02 11.50
C ILE B 304 -9.89 11.25 12.21
N GLY B 305 -8.58 11.42 12.04
CA GLY B 305 -7.86 12.53 12.65
C GLY B 305 -8.30 13.90 12.16
N ILE B 306 -8.32 14.05 10.83
CA ILE B 306 -8.86 15.23 10.16
C ILE B 306 -10.32 15.44 10.54
N GLY B 307 -11.08 14.34 10.58
CA GLY B 307 -12.48 14.37 11.00
C GLY B 307 -12.66 14.99 12.36
N LEU B 308 -11.88 14.52 13.33
CA LEU B 308 -11.86 15.08 14.69
C LEU B 308 -11.66 16.58 14.71
N CYS B 309 -10.75 17.06 13.87
CA CYS B 309 -10.53 18.50 13.74
C CYS B 309 -11.78 19.19 13.20
N LEU B 310 -12.39 18.61 12.18
CA LEU B 310 -13.58 19.22 11.58
C LEU B 310 -14.80 19.23 12.52
N GLY B 311 -14.94 18.20 13.34
CA GLY B 311 -16.04 18.15 14.30
C GLY B 311 -16.72 16.80 14.48
N GLU B 312 -16.43 15.80 13.65
CA GLU B 312 -17.02 14.48 13.88
C GLU B 312 -16.69 14.02 15.29
N ARG B 313 -17.69 13.44 15.97
CA ARG B 313 -17.65 13.22 17.41
C ARG B 313 -18.45 11.97 17.86
N GLU B 314 -18.45 10.92 17.05
CA GLU B 314 -19.30 9.76 17.36
C GLU B 314 -18.51 8.46 17.17
N GLY B 315 -18.69 7.75 16.07
CA GLY B 315 -17.91 6.54 15.82
C GLY B 315 -16.44 6.87 15.61
N ALA B 316 -16.17 8.01 14.97
CA ALA B 316 -14.80 8.46 14.73
C ALA B 316 -14.06 8.78 16.04
N LEU B 317 -14.77 9.36 17.01
CA LEU B 317 -14.22 9.61 18.31
C LEU B 317 -13.81 8.33 19.02
N ASP B 318 -14.64 7.30 18.92
CA ASP B 318 -14.42 6.05 19.65
C ASP B 318 -13.26 5.27 19.08
N VAL B 319 -13.09 5.38 17.76
CA VAL B 319 -12.00 4.70 17.09
C VAL B 319 -10.68 5.44 17.43
N ALA B 320 -10.73 6.77 17.37
CA ALA B 320 -9.63 7.64 17.87
C ALA B 320 -9.15 7.20 19.25
N LEU B 321 -10.06 7.22 20.22
CA LEU B 321 -9.74 6.86 21.61
C LEU B 321 -9.16 5.45 21.77
N GLU B 322 -9.69 4.49 21.02
CA GLU B 322 -9.18 3.13 21.12
C GLU B 322 -7.77 3.03 20.52
N LEU B 323 -7.41 3.93 19.59
CA LEU B 323 -6.01 4.00 19.12
C LEU B 323 -5.10 4.66 20.18
N GLN B 324 -5.58 5.72 20.84
CA GLN B 324 -4.82 6.32 21.96
C GLN B 324 -4.48 5.27 23.03
N LYS B 325 -5.47 4.43 23.35
CA LYS B 325 -5.28 3.41 24.37
C LYS B 325 -4.26 2.34 24.00
N ASN B 326 -4.29 1.80 22.77
CA ASN B 326 -3.31 0.74 22.39
C ASN B 326 -1.87 1.25 22.38
N TYR B 327 -1.73 2.50 21.96
CA TYR B 327 -0.45 3.14 21.97
C TYR B 327 -0.07 3.17 23.45
N ARG B 328 -0.96 3.74 24.27
CA ARG B 328 -0.75 3.83 25.75
C ARG B 328 -0.40 2.52 26.40
N GLU B 329 -1.01 1.41 25.96
CA GLU B 329 -0.71 0.10 26.56
C GLU B 329 0.61 -0.49 26.05
N GLU B 330 0.93 -0.29 24.77
CA GLU B 330 2.29 -0.59 24.29
C GLU B 330 3.33 0.11 25.18
N LEU B 331 3.07 1.38 25.50
CA LEU B 331 3.98 2.15 26.37
C LEU B 331 4.12 1.56 27.74
N VAL B 332 3.01 1.13 28.32
CA VAL B 332 3.06 0.50 29.62
C VAL B 332 3.87 -0.80 29.54
N LYS B 333 3.61 -1.58 28.52
CA LYS B 333 4.12 -2.93 28.48
C LYS B 333 5.67 -3.28 28.60
N GLY B 334 6.66 -2.55 28.10
CA GLY B 334 6.70 -1.17 27.72
C GLY B 334 7.75 -0.60 28.67
N LEU B 335 7.32 0.25 29.58
CA LEU B 335 8.12 0.59 30.74
C LEU B 335 8.26 -0.58 31.71
N ALA B 336 7.44 -1.62 31.58
CA ALA B 336 7.48 -2.74 32.52
C ALA B 336 8.68 -3.57 32.18
N TRP B 337 8.87 -3.76 30.88
CA TRP B 337 10.05 -4.45 30.37
C TRP B 337 11.37 -3.79 30.82
N ILE B 338 11.44 -2.46 30.79
CA ILE B 338 12.69 -1.79 31.17
C ILE B 338 12.90 -1.83 32.64
N ARG B 339 11.80 -1.68 33.38
CA ARG B 339 11.89 -1.85 34.82
C ARG B 339 12.46 -3.25 35.13
N ARG B 340 11.89 -4.35 34.62
CA ARG B 340 12.45 -5.67 35.04
C ARG B 340 13.55 -6.19 34.13
N GLU B 341 13.17 -6.73 32.96
CA GLU B 341 14.07 -7.58 32.14
C GLU B 341 15.20 -6.72 31.68
N GLY B 342 16.32 -6.85 32.38
CA GLY B 342 17.47 -6.01 32.17
C GLY B 342 17.05 -4.57 32.33
N SER B 343 17.47 -3.77 31.36
CA SER B 343 17.72 -2.35 31.55
C SER B 343 18.98 -2.03 30.75
N THR B 344 19.52 -0.84 30.94
CA THR B 344 20.76 -0.45 30.33
C THR B 344 21.78 -1.57 30.49
N THR B 345 22.53 -1.82 29.41
CA THR B 345 23.78 -2.58 29.45
C THR B 345 24.93 -1.56 29.23
N LEU B 346 25.57 -1.08 30.31
CA LEU B 346 26.49 0.10 30.20
C LEU B 346 27.88 -0.17 29.53
N GLU B 347 28.60 0.92 29.16
CA GLU B 347 29.84 0.91 28.29
C GLU B 347 30.86 2.14 28.27
N ASN B 348 30.60 3.48 28.38
CA ASN B 348 29.45 4.42 27.98
C ASN B 348 28.11 3.87 27.46
N LEU B 349 27.37 4.62 26.62
CA LEU B 349 26.31 3.97 25.85
C LEU B 349 25.32 3.26 26.85
N GLN B 350 24.64 2.19 26.43
CA GLN B 350 23.41 1.60 27.00
C GLN B 350 22.53 2.01 25.88
N TYR B 351 21.77 1.19 25.17
CA TYR B 351 21.88 -0.23 24.87
C TYR B 351 20.79 -0.89 25.70
N ILE B 352 19.62 -0.94 25.05
CA ILE B 352 18.47 -1.71 25.46
C ILE B 352 17.97 -2.38 24.16
N TYR B 353 17.77 -3.69 24.17
CA TYR B 353 17.48 -4.47 22.96
C TYR B 353 16.30 -5.44 23.16
N SER B 354 15.39 -5.49 22.19
CA SER B 354 14.40 -6.58 22.09
C SER B 354 13.19 -6.08 21.32
N GLU B 355 12.81 -6.67 20.19
CA GLU B 355 12.70 -8.13 19.89
C GLU B 355 11.18 -8.38 19.76
N ASP B 356 10.41 -8.00 20.79
CA ASP B 356 8.94 -8.17 20.82
C ASP B 356 8.23 -7.23 19.84
N LYS B 357 7.13 -7.70 19.25
CA LYS B 357 6.31 -6.91 18.33
C LYS B 357 5.58 -5.77 19.05
N ALA B 358 5.39 -5.95 20.36
CA ALA B 358 4.76 -4.97 21.27
C ALA B 358 5.42 -3.56 21.25
N PHE B 359 6.75 -3.54 21.40
CA PHE B 359 7.52 -2.28 21.46
C PHE B 359 8.03 -2.00 20.06
N LYS B 360 7.07 -1.96 19.14
CA LYS B 360 7.32 -1.90 17.73
C LYS B 360 7.82 -0.49 17.55
N GLY B 361 6.97 0.41 17.08
CA GLY B 361 7.37 1.77 16.75
C GLY B 361 7.27 2.71 17.92
N ILE B 362 7.68 2.26 19.12
CA ILE B 362 7.68 3.08 20.33
C ILE B 362 8.97 3.05 21.18
N MET B 363 10.04 2.42 20.70
CA MET B 363 11.29 2.40 21.43
C MET B 363 11.79 3.81 21.74
N GLY B 364 11.80 4.67 20.73
CA GLY B 364 12.28 6.03 20.93
C GLY B 364 11.63 6.73 22.12
N THR B 365 10.34 6.45 22.32
CA THR B 365 9.53 7.11 23.32
C THR B 365 9.80 6.55 24.72
N ILE B 366 9.90 5.24 24.78
CA ILE B 366 10.27 4.56 26.01
C ILE B 366 11.63 5.02 26.52
N ALA B 367 12.62 5.01 25.63
CA ALA B 367 13.97 5.44 25.99
C ALA B 367 13.95 6.75 26.76
N SER B 368 13.31 7.77 26.20
CA SER B 368 13.23 9.09 26.84
C SER B 368 12.40 9.08 28.12
N ILE B 369 11.32 8.32 28.14
CA ILE B 369 10.44 8.30 29.32
C ILE B 369 11.20 7.67 30.46
N SER B 370 11.98 6.64 30.13
CA SER B 370 12.79 5.95 31.13
C SER B 370 13.88 6.89 31.63
N LEU B 371 14.46 7.63 30.71
CA LEU B 371 15.49 8.61 31.08
C LEU B 371 14.94 9.68 32.02
N SER B 372 13.73 10.16 31.72
CA SER B 372 13.12 11.25 32.48
C SER B 372 12.52 10.73 33.81
N LEU B 373 12.03 9.50 33.82
CA LEU B 373 11.76 8.80 35.10
C LEU B 373 13.00 8.41 35.92
N LYS B 374 14.21 8.71 35.44
CA LYS B 374 15.50 8.28 36.03
C LYS B 374 15.58 6.81 36.40
N ILE B 375 14.92 5.95 35.62
CA ILE B 375 14.99 4.51 35.86
C ILE B 375 16.10 3.89 35.07
N LEU B 376 16.61 4.63 34.10
CA LEU B 376 17.92 4.40 33.54
C LEU B 376 18.70 5.68 33.77
N ASP B 377 20.02 5.54 33.89
CA ASP B 377 20.94 6.62 34.22
C ASP B 377 20.78 7.73 33.18
N PRO B 378 20.21 8.88 33.59
CA PRO B 378 20.03 9.96 32.61
C PRO B 378 21.31 10.57 32.06
N ASP B 379 22.44 10.35 32.73
CA ASP B 379 23.70 10.92 32.26
C ASP B 379 24.39 10.06 31.21
N ILE B 380 24.07 8.77 31.13
CA ILE B 380 24.66 7.92 30.11
C ILE B 380 23.73 7.86 28.89
N PRO B 381 24.22 8.24 27.69
CA PRO B 381 23.34 8.25 26.50
C PRO B 381 22.76 6.86 26.22
N LEU B 382 21.52 6.84 25.74
CA LEU B 382 20.74 5.59 25.65
C LEU B 382 20.34 5.32 24.22
N LEU B 383 20.44 4.05 23.83
CA LEU B 383 20.15 3.55 22.47
C LEU B 383 19.18 2.38 22.55
N GLY B 384 18.00 2.57 22.01
CA GLY B 384 17.01 1.54 21.98
C GLY B 384 17.11 0.86 20.66
N LEU B 385 17.13 -0.46 20.69
CA LEU B 385 17.30 -1.29 19.50
C LEU B 385 16.07 -2.20 19.25
N SER B 386 15.41 -1.98 18.12
CA SER B 386 14.25 -2.77 17.71
C SER B 386 14.63 -3.70 16.57
N ARG B 387 14.45 -5.01 16.75
CA ARG B 387 14.60 -5.95 15.63
C ARG B 387 13.59 -5.70 14.52
N MET B 388 14.05 -5.82 13.28
CA MET B 388 13.27 -5.50 12.08
C MET B 388 13.72 -6.48 11.00
N ASP B 389 13.23 -7.71 11.12
CA ASP B 389 13.66 -8.86 10.32
C ASP B 389 15.19 -9.07 10.40
N GLN B 390 15.91 -8.69 9.34
CA GLN B 390 17.38 -8.82 9.26
C GLN B 390 18.11 -7.55 9.76
N HIS B 391 17.40 -6.43 9.84
CA HIS B 391 17.98 -5.18 10.32
C HIS B 391 17.69 -4.92 11.81
N VAL B 392 18.29 -3.86 12.33
CA VAL B 392 17.94 -3.30 13.63
C VAL B 392 17.68 -1.81 13.47
N LYS B 393 16.49 -1.39 13.86
CA LYS B 393 16.13 0.03 14.01
C LYS B 393 16.67 0.53 15.35
N VAL B 394 17.32 1.70 15.33
CA VAL B 394 18.02 2.26 16.49
C VAL B 394 17.39 3.59 16.79
N SER B 395 17.21 3.86 18.11
CA SER B 395 16.57 5.09 18.56
C SER B 395 17.40 5.62 19.71
N ALA B 396 18.09 6.73 19.48
CA ALA B 396 19.01 7.26 20.46
C ALA B 396 18.42 8.48 21.20
N ARG B 397 18.50 8.48 22.53
CA ARG B 397 18.15 9.65 23.39
C ARG B 397 19.23 9.88 24.44
N THR B 398 19.48 11.13 24.77
CA THR B 398 20.22 11.46 26.00
C THR B 398 19.67 12.72 26.68
N THR B 399 20.32 13.14 27.75
CA THR B 399 19.95 14.37 28.43
C THR B 399 20.84 15.53 27.98
N ARG B 400 20.35 16.75 28.21
CA ARG B 400 21.08 18.01 27.90
C ARG B 400 22.43 18.18 28.61
N PRO B 401 22.54 17.67 29.85
CA PRO B 401 23.85 17.53 30.46
C PRO B 401 24.86 16.82 29.56
N ALA B 402 24.55 15.58 29.13
CA ALA B 402 25.50 14.80 28.32
C ALA B 402 25.90 15.55 27.06
N VAL B 403 24.92 16.21 26.45
CA VAL B 403 25.11 17.03 25.27
C VAL B 403 26.03 18.21 25.54
N GLU B 404 25.95 18.77 26.75
CA GLU B 404 26.80 19.90 27.16
C GLU B 404 28.27 19.50 27.30
N ARG B 405 28.55 18.21 27.52
CA ARG B 405 29.92 17.70 27.47
C ARG B 405 30.23 16.94 26.16
N GLY B 406 29.87 17.56 25.02
CA GLY B 406 30.31 17.11 23.70
C GLY B 406 29.37 16.22 22.87
N VAL B 407 28.57 15.41 23.55
CA VAL B 407 27.79 14.32 22.96
C VAL B 407 26.86 14.88 21.87
N ASN B 408 27.28 14.77 20.62
CA ASN B 408 26.38 14.89 19.49
C ASN B 408 26.18 13.47 19.01
N LEU B 409 24.99 12.92 19.22
CA LEU B 409 24.76 11.54 18.85
C LEU B 409 24.17 11.40 17.45
N GLY B 410 23.60 12.46 16.91
CA GLY B 410 23.24 12.48 15.49
C GLY B 410 24.44 12.32 14.55
N VAL B 411 25.58 12.91 14.90
CA VAL B 411 26.78 12.70 14.11
C VAL B 411 27.31 11.29 14.31
N ALA B 412 27.41 10.87 15.58
CA ALA B 412 27.83 9.53 15.95
C ALA B 412 27.11 8.43 15.19
N LEU B 413 25.80 8.57 14.98
CA LEU B 413 25.01 7.52 14.33
C LEU B 413 25.04 7.62 12.80
N ARG B 414 25.30 8.80 12.25
CA ARG B 414 25.46 8.94 10.80
C ARG B 414 26.72 8.19 10.38
N ASP B 415 27.82 8.43 11.10
CA ASP B 415 29.13 7.85 10.77
C ASP B 415 29.14 6.35 11.05
N ALA B 416 28.75 5.98 12.27
CA ALA B 416 28.69 4.57 12.64
C ALA B 416 27.82 3.74 11.71
N ALA B 417 26.70 4.30 11.25
CA ALA B 417 25.78 3.55 10.40
C ALA B 417 26.34 3.41 9.00
N ALA B 418 27.05 4.42 8.52
CA ALA B 418 27.66 4.34 7.19
C ALA B 418 28.69 3.19 7.08
N SER B 419 29.41 2.93 8.18
CA SER B 419 30.46 1.92 8.20
C SER B 419 29.95 0.48 8.16
N PHE B 420 28.66 0.29 8.46
CA PHE B 420 27.98 -1.01 8.34
C PHE B 420 26.90 -1.06 7.24
N GLY B 421 26.94 -0.13 6.29
CA GLY B 421 26.09 -0.22 5.08
C GLY B 421 24.63 0.07 5.28
N GLY B 422 24.37 1.03 6.16
CA GLY B 422 23.03 1.46 6.51
C GLY B 422 23.04 2.94 6.73
N THR B 423 21.91 3.47 7.19
CA THR B 423 21.69 4.92 7.22
C THR B 423 21.50 5.40 8.64
N GLY B 424 21.96 6.62 8.90
CA GLY B 424 21.81 7.27 10.20
C GLY B 424 21.86 8.78 10.16
N GLY B 425 21.36 9.39 11.22
CA GLY B 425 21.36 10.84 11.39
C GLY B 425 20.43 11.27 12.51
N GLY B 426 20.19 12.57 12.60
CA GLY B 426 19.31 13.15 13.62
C GLY B 426 19.80 14.49 14.13
N HIS B 427 20.00 14.60 15.42
CA HIS B 427 20.65 15.77 16.01
C HIS B 427 21.09 15.42 17.41
N ASP B 428 21.80 16.31 18.06
CA ASP B 428 22.63 15.94 19.20
C ASP B 428 21.99 15.19 20.36
N ILE B 429 20.73 15.48 20.71
CA ILE B 429 20.03 14.81 21.85
C ILE B 429 19.09 13.66 21.43
N ALA B 430 18.88 13.53 20.12
CA ALA B 430 17.95 12.57 19.52
C ALA B 430 18.33 12.22 18.07
N ALA B 431 18.61 10.95 17.84
CA ALA B 431 18.89 10.47 16.50
C ALA B 431 18.59 8.99 16.35
N GLY B 432 18.51 8.52 15.10
CA GLY B 432 18.29 7.10 14.86
C GLY B 432 19.15 6.54 13.76
N ALA B 433 18.90 5.29 13.40
CA ALA B 433 19.70 4.55 12.42
C ALA B 433 19.15 3.16 12.25
N MET B 434 19.32 2.63 11.03
CA MET B 434 18.86 1.33 10.59
C MET B 434 20.10 0.60 10.13
N VAL B 435 20.36 -0.57 10.70
CA VAL B 435 21.67 -1.23 10.60
C VAL B 435 21.48 -2.75 10.61
N PRO B 436 22.18 -3.50 9.73
CA PRO B 436 22.08 -4.98 9.68
C PRO B 436 22.20 -5.67 11.05
N TYR B 437 21.31 -6.62 11.37
CA TYR B 437 21.38 -7.32 12.66
C TYR B 437 22.71 -8.04 12.81
N ARG B 438 23.20 -8.59 11.68
CA ARG B 438 24.53 -9.23 11.59
C ARG B 438 25.64 -8.48 12.37
N ASP B 439 25.75 -7.17 12.14
CA ASP B 439 26.87 -6.35 12.66
C ASP B 439 26.41 -4.95 13.16
N MET B 440 25.99 -4.74 14.42
CA MET B 440 25.68 -5.71 15.49
C MET B 440 26.06 -5.07 16.82
N GLU B 441 26.78 -5.85 17.63
CA GLU B 441 27.68 -5.31 18.60
C GLU B 441 28.85 -4.52 17.91
N SER B 442 29.10 -4.73 16.62
CA SER B 442 30.14 -3.97 15.92
C SER B 442 29.75 -2.48 15.84
N PHE B 443 28.50 -2.23 15.43
CA PHE B 443 27.88 -0.88 15.47
C PHE B 443 27.90 -0.20 16.85
N LEU B 444 27.33 -0.87 17.86
CA LEU B 444 27.40 -0.37 19.24
C LEU B 444 28.82 0.06 19.60
N GLN B 445 29.77 -0.86 19.44
CA GLN B 445 31.18 -0.62 19.78
C GLN B 445 31.77 0.62 19.14
N LEU B 446 31.53 0.76 17.83
CA LEU B 446 31.89 1.98 17.11
C LEU B 446 31.15 3.22 17.67
N VAL B 447 29.83 3.11 17.99
CA VAL B 447 29.11 4.25 18.61
C VAL B 447 29.76 4.61 19.95
N ASP B 448 30.17 3.60 20.71
CA ASP B 448 30.88 3.86 21.98
C ASP B 448 32.25 4.55 21.81
N GLU B 449 33.03 4.15 20.80
CA GLU B 449 34.33 4.78 20.50
C GLU B 449 34.14 6.23 20.02
N ILE B 450 33.14 6.47 19.16
CA ILE B 450 32.88 7.81 18.64
C ILE B 450 32.44 8.77 19.74
N LEU B 451 31.52 8.33 20.61
CA LEU B 451 31.06 9.17 21.74
C LEU B 451 32.18 9.35 22.74
N GLY B 452 32.99 8.31 22.91
CA GLY B 452 34.21 8.37 23.71
C GLY B 452 35.06 9.58 23.37
N THR B 453 35.32 9.80 22.07
CA THR B 453 36.00 11.00 21.60
C THR B 453 35.30 12.20 22.23
N GLN B 454 34.10 12.49 21.73
CA GLN B 454 33.33 13.70 22.07
C GLN B 454 33.34 14.04 23.57
N THR B 455 33.25 13.02 24.43
CA THR B 455 33.29 13.20 25.88
C THR B 455 34.70 13.39 26.43
N GLY B 456 35.66 12.59 25.95
CA GLY B 456 37.03 12.60 26.50
C GLY B 456 37.80 13.92 26.40
N PRO B 457 38.89 14.07 27.20
CA PRO B 457 39.69 15.30 27.42
C PRO B 457 39.62 16.40 26.35
#